data_8TL6
#
_entry.id   8TL6
#
_cell.length_a   1.00
_cell.length_b   1.00
_cell.length_c   1.00
_cell.angle_alpha   90.00
_cell.angle_beta   90.00
_cell.angle_gamma   90.00
#
_symmetry.space_group_name_H-M   'P 1'
#
loop_
_entity.id
_entity.type
_entity.pdbx_description
1 polymer 'DNA damage-binding protein 1'
2 polymer 'DDB1- and CUL4-associated factor 5'
3 polymer 'DET1- and DDB1-associated protein 1'
#
loop_
_entity_poly.entity_id
_entity_poly.type
_entity_poly.pdbx_seq_one_letter_code
_entity_poly.pdbx_strand_id
1 'polypeptide(L)'
;MGSSHHHHHHSAAHIVMVDAYKPTKGGRMSYNYVVTAQKPTAVNGCVTGHFTSAEDLNLLIAKNTRLEIYVVTAEGLRPV
KEVGMYGKIAVMELFRPKGESKDLLFILTAKYNACILEYKQSGESIDIITRAHGNVQDRIGRPSETGIIGIIDPECRMIG
LRLYDGLFKVIPLDRDNKELKAFNIRLEELHVIDVKFLYGCQAPTICFVYQDPQGRHVKTYEVSLREKEFNKGPWKQENV
EAEASMVIAVPEPFGGAIIIGQESITYHNGDKYLAIAPPIIKQSTIVCHNRVDPNGSRYLLGDMEGRLFMLLLEKEEQMD
GTVTLKDLRVELLGETSIAECLTYLDNGVVFVGSRLGDSQLVKLNVDSNEQGSYVVAMETFTNLGPIVDMCVVDLERQGQ
GQLVTCSGAFKEGSLRIIRNGIGGNGNSGEIQKLHIRTVPLYESPRKICYQEVSQCFGVLSSRIEVQDTSGGTTALRPSA
STQALSSSVSSSKLFSSSTAPHETSFGEEVEVHNLLIIDQHTFEVLHAHQFLQNEYALSLVSCKLGKDPNTYFIVGTAMV
YPEEAEPKQGRIVVFQYSDGKLQTVAEKEVKGAVYSMVEFNGKLLASINSTVRLYEWTTEKELRTECNHYNNIMALYLKT
KGDFILVGDLMRSVLLLAYKPMEGNFEEIARDFNPNWMSAVEILDDDNFLGAENAFNLFVCQKDSAATTDEERQHLQEVG
LFHLGEFVNVFCHGSLVMQNLGETSTPTQGSVLFGTVNGMIGLVTSLSESWYNLLLDMQNRLNKVIKSVGKIEHSFWRSF
HTERKTEPATGFIDGDLIESFLDISRPKMQEVVANLQYDDGSGMKREATADDLIKVVEELTRIH
;
A
2 'polypeptide(L)'
;MDWSHPQFEKSAVGLNDIFEAQKIEWHEGGGGSGENLYFQGGGRMKRRAGLGGSMRSVVGFLSQRGLHGDPLLTQDFQRR
RLRGCRNLYKKDLLGHFGCVNAIEFSNNGGQWLVSGGDDRRVLLWHMEQAIHSRVKPIQLKGEHHSNIFCLAFNSGNTKV
FSGGNDEQVILHDVESSETLDVFAHEDAVYGLSVSPVNDNIFASSSDDGRVLIWDIRESPHGEPFCLANYPSAFHSVMFN
PVEPRLLATANSKEGVGLWDIRKPQSSLLRYGGNLSLQSAMSVRFNSNGTQLLALRRRLPPVLYDIHSRLPVFQFDNQGY
FNSCTMKSCCFAGDRDQYILSGSDDFNLYMWRIPADPEAGGIGRVVNGAFMVLKGHRSIVNQVRFNPHTYMICSSGVEKI
IKIWSPYKQPGCTGDLDGRIEDDSRCLYTHEEYISLVLNSGSGLSHDYANQSVQEDPRMMAFFDSLVRREIEGWSSDSDS
DLSESTILQLHAGVSERSGYTDSESSASLPRSPPPTVDESADNAFHLGPLRVTTTNTVASTPPTPTCEDAASRQQRLSAL
RRYQDKRLLALSNESDSEENVCEVELDTDLFPRPRSPSPEDESSSSSSSSSSEDEEELNERRASTWQRNAMRRRQKTTRE
DKPSAPIKPTNTYIGEDNYDYPQIKVDDLSSSPTSSPERSTSTLEIQPSRASPTSDIESVERKIYKAYKWLRYSYISYSN
NKDGETSLVTGEADEGRAGTSHKDNPAPSSSKEACLNIAMAQRNQDLPPEGCSKDTFKEETPRTPSNGPGHEHSSHAWAE
VPEGTSQDTGNSGSVEHPFETKKLNGKALSSRAEEPPSPPVPKASGSTLNSGSGNCPRTQSDDSEERSLETICANHNNGR
LHPRPPHPHNNGQNLGELEVVAYSSPGHSDTDRDNSSLTGTLLHKDCCGSEMACETPNAGTREDPTDTPATDSSRAVHGH
SGLKRQRIELEDTDSENSSSEKKLKT
;
B
3 'polypeptide(L)'
;MGSSHHHHHHSAVDENLYFQGGGRMADFLKGLPVYNKSNFSRFHADSVCKASNRRPSVYLPTREYPSEQIIVTEKTNILL
RYLHQQWDKKNAAKKRDQEQVELEGESSAPPRKVARTDSPDMHEDT
;
E
#
# COMPACT_ATOMS: atom_id res chain seq x y z
N SER A 30 7.87 25.72 0.43
CA SER A 30 7.86 25.73 1.89
C SER A 30 9.16 25.20 2.46
N TYR A 31 9.49 25.62 3.67
CA TYR A 31 10.68 25.17 4.38
C TYR A 31 10.26 24.56 5.71
N ASN A 32 10.60 23.28 5.91
CA ASN A 32 10.17 22.55 7.08
C ASN A 32 11.32 21.72 7.62
N TYR A 33 11.16 21.27 8.86
CA TYR A 33 12.20 20.54 9.58
C TYR A 33 11.52 19.40 10.33
N VAL A 34 12.02 18.18 10.14
CA VAL A 34 11.40 16.98 10.69
C VAL A 34 12.41 16.25 11.55
N VAL A 35 12.02 15.91 12.77
CA VAL A 35 12.84 15.11 13.68
C VAL A 35 11.96 14.04 14.31
N THR A 36 12.61 13.13 15.03
CA THR A 36 11.93 12.06 15.77
C THR A 36 12.15 12.29 17.26
N ALA A 37 11.06 12.53 17.99
CA ALA A 37 11.16 12.61 19.44
C ALA A 37 11.29 11.23 20.07
N GLN A 38 10.56 10.26 19.52
CA GLN A 38 10.62 8.87 19.96
C GLN A 38 10.83 7.99 18.74
N LYS A 39 11.88 7.17 18.76
CA LYS A 39 12.15 6.27 17.66
C LYS A 39 11.13 5.14 17.62
N PRO A 40 10.97 4.48 16.47
CA PRO A 40 9.97 3.41 16.37
C PRO A 40 10.24 2.32 17.40
N THR A 41 9.15 1.81 17.99
CA THR A 41 9.23 0.81 19.04
C THR A 41 8.68 -0.55 18.63
N ALA A 42 7.83 -0.62 17.62
CA ALA A 42 7.29 -1.90 17.17
C ALA A 42 8.41 -2.76 16.58
N VAL A 43 8.36 -4.05 16.86
CA VAL A 43 9.35 -4.99 16.35
C VAL A 43 8.82 -5.58 15.05
N ASN A 44 9.50 -5.29 13.95
CA ASN A 44 9.09 -5.81 12.65
C ASN A 44 9.71 -7.18 12.39
N GLY A 45 10.92 -7.41 12.90
CA GLY A 45 11.52 -8.72 12.73
C GLY A 45 12.50 -9.02 13.83
N CYS A 46 12.87 -10.30 13.95
CA CYS A 46 13.84 -10.70 14.94
C CYS A 46 14.49 -12.00 14.50
N VAL A 47 15.81 -12.07 14.66
CA VAL A 47 16.58 -13.28 14.32
C VAL A 47 17.59 -13.52 15.42
N THR A 48 18.03 -14.77 15.52
CA THR A 48 19.06 -15.18 16.47
C THR A 48 20.19 -15.84 15.70
N GLY A 49 21.42 -15.55 16.11
CA GLY A 49 22.56 -16.17 15.47
C GLY A 49 23.85 -15.58 15.97
N HIS A 50 24.95 -16.07 15.41
CA HIS A 50 26.30 -15.66 15.81
C HIS A 50 26.78 -14.59 14.83
N PHE A 51 26.34 -13.35 15.04
CA PHE A 51 26.64 -12.24 14.17
C PHE A 51 27.84 -11.43 14.62
N THR A 52 27.90 -11.05 15.89
CA THR A 52 29.02 -10.25 16.37
C THR A 52 30.27 -11.08 16.60
N SER A 53 30.10 -12.33 17.02
CA SER A 53 31.24 -13.22 17.20
C SER A 53 30.78 -14.66 17.01
N ALA A 54 31.73 -15.52 16.66
CA ALA A 54 31.43 -16.93 16.44
C ALA A 54 31.04 -17.66 17.72
N GLU A 55 31.30 -17.08 18.89
CA GLU A 55 31.06 -17.74 20.16
C GLU A 55 29.77 -17.27 20.83
N ASP A 56 29.58 -15.95 20.96
CA ASP A 56 28.42 -15.43 21.65
C ASP A 56 27.16 -15.56 20.80
N LEU A 57 26.02 -15.62 21.46
CA LEU A 57 24.72 -15.69 20.82
C LEU A 57 24.13 -14.29 20.74
N ASN A 58 23.67 -13.90 19.57
CA ASN A 58 23.20 -12.55 19.31
C ASN A 58 21.73 -12.57 18.92
N LEU A 59 21.00 -11.58 19.41
CA LEU A 59 19.62 -11.32 19.02
C LEU A 59 19.58 -10.02 18.23
N LEU A 60 19.07 -10.08 17.01
CA LEU A 60 18.95 -8.92 16.13
C LEU A 60 17.48 -8.60 15.95
N ILE A 61 17.11 -7.36 16.26
CA ILE A 61 15.72 -6.90 16.19
C ILE A 61 15.65 -5.78 15.16
N ALA A 62 14.73 -5.93 14.20
CA ALA A 62 14.48 -4.92 13.19
C ALA A 62 13.20 -4.18 13.59
N LYS A 63 13.34 -2.89 13.87
CA LYS A 63 12.25 -2.00 14.25
C LYS A 63 12.11 -0.97 13.14
N ASN A 64 11.37 -1.31 12.09
CA ASN A 64 11.22 -0.43 10.94
C ASN A 64 12.57 -0.04 10.36
N THR A 65 13.11 1.11 10.76
CA THR A 65 14.39 1.59 10.22
C THR A 65 15.57 1.32 11.15
N ARG A 66 15.33 0.91 12.38
CA ARG A 66 16.39 0.66 13.34
C ARG A 66 16.75 -0.82 13.36
N LEU A 67 18.03 -1.11 13.59
CA LEU A 67 18.51 -2.47 13.76
C LEU A 67 19.28 -2.55 15.07
N GLU A 68 18.75 -3.31 16.02
CA GLU A 68 19.31 -3.46 17.35
C GLU A 68 19.99 -4.81 17.47
N ILE A 69 21.23 -4.81 17.94
CA ILE A 69 22.02 -6.02 18.14
C ILE A 69 22.29 -6.15 19.64
N TYR A 70 21.84 -7.27 20.21
CA TYR A 70 22.03 -7.59 21.63
C TYR A 70 22.86 -8.87 21.72
N VAL A 71 23.68 -8.96 22.76
CA VAL A 71 24.32 -10.23 23.08
C VAL A 71 23.51 -10.95 24.15
N VAL A 72 23.20 -12.21 23.90
CA VAL A 72 22.38 -13.00 24.82
C VAL A 72 23.26 -13.56 25.93
N THR A 73 23.19 -12.95 27.11
CA THR A 73 23.89 -13.45 28.28
C THR A 73 22.89 -14.06 29.26
N ALA A 74 23.41 -14.80 30.23
CA ALA A 74 22.58 -15.41 31.27
C ALA A 74 21.96 -14.38 32.20
N GLU A 75 22.43 -13.14 32.16
CA GLU A 75 21.87 -12.05 32.96
C GLU A 75 20.80 -11.26 32.22
N GLY A 76 20.41 -11.70 31.02
CA GLY A 76 19.43 -10.98 30.22
C GLY A 76 19.96 -10.65 28.84
N LEU A 77 19.53 -9.53 28.28
CA LEU A 77 19.95 -9.08 26.96
C LEU A 77 20.89 -7.90 27.14
N ARG A 78 22.09 -8.00 26.57
CA ARG A 78 23.06 -6.93 26.66
C ARG A 78 23.13 -6.18 25.34
N PRO A 79 22.58 -4.97 25.23
CA PRO A 79 22.65 -4.25 23.94
C PRO A 79 24.08 -3.97 23.56
N VAL A 80 24.44 -4.34 22.33
CA VAL A 80 25.80 -4.18 21.86
C VAL A 80 25.85 -3.12 20.76
N LYS A 81 24.74 -2.92 20.05
CA LYS A 81 24.78 -1.93 18.98
C LYS A 81 23.36 -1.57 18.55
N GLU A 82 23.22 -0.38 17.98
CA GLU A 82 22.04 0.01 17.23
C GLU A 82 22.48 0.83 16.03
N VAL A 83 21.94 0.50 14.85
CA VAL A 83 22.29 1.19 13.62
C VAL A 83 21.01 1.64 12.93
N GLY A 84 20.99 2.90 12.51
CA GLY A 84 19.91 3.38 11.67
C GLY A 84 20.06 2.89 10.24
N MET A 85 18.93 2.75 9.57
CA MET A 85 18.88 2.20 8.22
C MET A 85 18.14 3.17 7.32
N TYR A 86 18.73 3.48 6.17
CA TYR A 86 18.06 4.33 5.19
C TYR A 86 17.04 3.50 4.41
N GLY A 87 16.09 2.92 5.12
CA GLY A 87 15.08 2.07 4.51
C GLY A 87 14.30 1.29 5.53
N LYS A 88 13.12 0.83 5.16
CA LYS A 88 12.30 -0.02 6.03
C LYS A 88 12.72 -1.47 5.82
N ILE A 89 13.26 -2.09 6.87
CA ILE A 89 13.73 -3.47 6.79
C ILE A 89 12.53 -4.38 6.60
N ALA A 90 12.37 -4.95 5.40
CA ALA A 90 11.30 -5.89 5.12
C ALA A 90 11.76 -7.33 5.25
N VAL A 91 13.05 -7.60 5.05
CA VAL A 91 13.62 -8.93 5.18
C VAL A 91 14.91 -8.82 5.97
N MET A 92 15.12 -9.75 6.90
CA MET A 92 16.33 -9.79 7.70
C MET A 92 16.64 -11.25 8.00
N GLU A 93 17.70 -11.78 7.38
CA GLU A 93 18.08 -13.18 7.53
C GLU A 93 19.56 -13.28 7.82
N LEU A 94 19.92 -14.12 8.78
CA LEU A 94 21.31 -14.40 9.12
C LEU A 94 21.73 -15.69 8.41
N PHE A 95 22.88 -15.64 7.76
CA PHE A 95 23.39 -16.79 7.03
C PHE A 95 24.91 -16.79 7.10
N ARG A 96 25.51 -17.95 6.87
CA ARG A 96 26.95 -18.13 6.99
C ARG A 96 27.43 -19.08 5.90
N PRO A 97 27.94 -18.56 4.79
CA PRO A 97 28.52 -19.45 3.78
C PRO A 97 29.87 -19.99 4.20
N LYS A 98 30.43 -20.89 3.39
CA LYS A 98 31.71 -21.51 3.74
C LYS A 98 32.83 -20.49 3.75
N GLY A 99 33.74 -20.64 4.71
CA GLY A 99 34.87 -19.74 4.84
C GLY A 99 34.64 -18.54 5.72
N GLU A 100 33.44 -18.36 6.27
CA GLU A 100 33.12 -17.25 7.15
C GLU A 100 33.21 -17.68 8.59
N SER A 101 33.92 -16.89 9.40
CA SER A 101 34.04 -17.17 10.82
C SER A 101 32.72 -16.93 11.56
N LYS A 102 31.95 -15.94 11.15
CA LYS A 102 30.70 -15.59 11.81
C LYS A 102 29.66 -15.27 10.76
N ASP A 103 28.40 -15.25 11.19
CA ASP A 103 27.29 -15.08 10.27
C ASP A 103 27.31 -13.70 9.61
N LEU A 104 26.80 -13.64 8.39
CA LEU A 104 26.53 -12.40 7.69
C LEU A 104 25.04 -12.10 7.75
N LEU A 105 24.68 -10.84 7.55
CA LEU A 105 23.29 -10.41 7.67
C LEU A 105 22.81 -9.90 6.32
N PHE A 106 21.73 -10.47 5.82
CA PHE A 106 21.09 -9.99 4.59
C PHE A 106 19.89 -9.13 4.97
N ILE A 107 19.86 -7.90 4.48
CA ILE A 107 18.75 -6.98 4.71
C ILE A 107 18.22 -6.52 3.36
N LEU A 108 16.91 -6.61 3.17
CA LEU A 108 16.23 -6.00 2.05
C LEU A 108 15.30 -4.93 2.60
N THR A 109 15.31 -3.75 1.99
CA THR A 109 14.46 -2.66 2.44
C THR A 109 13.18 -2.61 1.62
N ALA A 110 12.22 -1.83 2.12
CA ALA A 110 10.94 -1.71 1.42
C ALA A 110 11.10 -1.03 0.08
N LYS A 111 12.20 -0.31 -0.12
CA LYS A 111 12.54 0.29 -1.41
C LYS A 111 13.46 -0.61 -2.23
N TYR A 112 13.61 -1.86 -1.82
CA TYR A 112 14.29 -2.90 -2.60
C TYR A 112 15.81 -2.72 -2.61
N ASN A 113 16.35 -2.06 -1.60
CA ASN A 113 17.80 -2.03 -1.40
C ASN A 113 18.19 -3.32 -0.67
N ALA A 114 18.96 -4.17 -1.33
CA ALA A 114 19.47 -5.40 -0.74
C ALA A 114 20.92 -5.19 -0.35
N CYS A 115 21.30 -5.72 0.80
CA CYS A 115 22.67 -5.58 1.28
C CYS A 115 23.03 -6.80 2.12
N ILE A 116 24.31 -7.16 2.04
CA ILE A 116 24.89 -8.19 2.89
C ILE A 116 25.95 -7.51 3.74
N LEU A 117 25.81 -7.63 5.05
CA LEU A 117 26.58 -6.89 6.04
C LEU A 117 27.37 -7.84 6.92
N GLU A 118 28.55 -7.39 7.33
CA GLU A 118 29.40 -8.12 8.27
C GLU A 118 29.67 -7.24 9.48
N TYR A 119 29.75 -7.85 10.65
CA TYR A 119 30.02 -7.14 11.89
C TYR A 119 31.49 -7.33 12.25
N LYS A 120 32.27 -6.25 12.18
CA LYS A 120 33.66 -6.26 12.59
C LYS A 120 33.84 -5.37 13.81
N GLN A 121 34.60 -5.87 14.79
CA GLN A 121 34.87 -5.16 16.03
C GLN A 121 36.37 -5.21 16.29
N SER A 122 37.09 -4.19 15.85
CA SER A 122 38.53 -4.09 16.04
C SER A 122 38.81 -3.11 17.18
N GLY A 123 39.52 -3.59 18.20
CA GLY A 123 39.76 -2.76 19.36
C GLY A 123 38.44 -2.38 20.01
N GLU A 124 38.26 -1.08 20.23
CA GLU A 124 37.04 -0.55 20.84
C GLU A 124 36.10 0.07 19.82
N SER A 125 36.36 -0.09 18.52
CA SER A 125 35.55 0.49 17.47
C SER A 125 34.65 -0.60 16.88
N ILE A 126 33.34 -0.40 16.97
CA ILE A 126 32.35 -1.32 16.42
C ILE A 126 31.76 -0.68 15.17
N ASP A 127 31.80 -1.40 14.05
CA ASP A 127 31.25 -0.91 12.80
C ASP A 127 30.65 -2.06 12.02
N ILE A 128 29.64 -1.75 11.21
CA ILE A 128 29.00 -2.70 10.33
C ILE A 128 29.54 -2.48 8.92
N ILE A 129 30.20 -3.48 8.36
CA ILE A 129 30.80 -3.38 7.04
C ILE A 129 29.84 -3.94 6.00
N THR A 130 29.61 -3.18 4.94
CA THR A 130 28.79 -3.63 3.83
C THR A 130 29.61 -4.57 2.95
N ARG A 131 29.22 -5.84 2.91
CA ARG A 131 29.92 -6.80 2.06
C ARG A 131 29.36 -6.81 0.64
N ALA A 132 28.07 -6.55 0.49
CA ALA A 132 27.46 -6.42 -0.83
C ALA A 132 26.28 -5.48 -0.73
N HIS A 133 25.93 -4.86 -1.85
CA HIS A 133 24.81 -3.93 -1.86
C HIS A 133 24.34 -3.72 -3.30
N GLY A 134 23.04 -3.49 -3.45
CA GLY A 134 22.48 -3.18 -4.74
C GLY A 134 20.97 -3.09 -4.71
N ASN A 135 20.37 -2.45 -5.71
CA ASN A 135 18.92 -2.34 -5.78
C ASN A 135 18.37 -3.47 -6.67
N VAL A 136 17.39 -4.20 -6.15
CA VAL A 136 16.84 -5.35 -6.85
C VAL A 136 15.43 -5.05 -7.39
N GLN A 137 15.06 -3.78 -7.48
CA GLN A 137 13.76 -3.42 -8.01
C GLN A 137 13.70 -3.72 -9.50
N ASP A 138 12.51 -4.09 -9.97
CA ASP A 138 12.26 -4.38 -11.38
C ASP A 138 11.45 -3.24 -12.00
N ARG A 139 11.79 -2.89 -13.24
CA ARG A 139 11.08 -1.82 -13.92
C ARG A 139 9.59 -2.13 -14.03
N ILE A 140 9.23 -3.39 -14.21
CA ILE A 140 7.85 -3.81 -14.32
C ILE A 140 7.60 -4.97 -13.37
N GLY A 141 6.35 -5.10 -12.94
CA GLY A 141 5.94 -6.16 -12.04
C GLY A 141 4.95 -5.65 -11.02
N ARG A 142 4.02 -6.51 -10.63
CA ARG A 142 3.00 -6.19 -9.64
C ARG A 142 3.43 -6.72 -8.28
N PRO A 143 3.64 -5.87 -7.27
CA PRO A 143 4.04 -6.39 -5.95
C PRO A 143 3.01 -7.40 -5.43
N SER A 144 3.52 -8.45 -4.79
CA SER A 144 2.68 -9.56 -4.37
C SER A 144 1.71 -9.11 -3.28
N GLU A 145 0.51 -9.72 -3.29
CA GLU A 145 -0.48 -9.41 -2.26
C GLU A 145 -0.01 -9.89 -0.89
N THR A 146 0.65 -11.05 -0.84
CA THR A 146 1.14 -11.57 0.43
C THR A 146 2.40 -10.88 0.91
N GLY A 147 3.00 -10.02 0.09
CA GLY A 147 4.10 -9.18 0.50
C GLY A 147 5.45 -9.71 0.01
N ILE A 148 6.49 -8.99 0.42
CA ILE A 148 7.86 -9.36 0.08
C ILE A 148 8.26 -10.56 0.91
N ILE A 149 8.86 -11.57 0.26
CA ILE A 149 9.35 -12.75 0.94
C ILE A 149 10.84 -12.89 0.62
N GLY A 150 11.65 -13.14 1.65
CA GLY A 150 13.07 -13.32 1.46
C GLY A 150 13.59 -14.53 2.20
N ILE A 151 14.18 -15.49 1.47
CA ILE A 151 14.66 -16.73 2.04
C ILE A 151 16.07 -16.99 1.55
N ILE A 152 16.80 -17.80 2.30
CA ILE A 152 18.18 -18.15 1.96
C ILE A 152 18.31 -19.67 2.02
N ASP A 153 19.00 -20.23 1.03
CA ASP A 153 19.20 -21.66 0.99
C ASP A 153 19.99 -22.10 2.22
N PRO A 154 19.65 -23.25 2.83
CA PRO A 154 20.40 -23.69 4.01
C PRO A 154 21.89 -23.83 3.77
N GLU A 155 22.32 -24.17 2.56
CA GLU A 155 23.73 -24.25 2.24
C GLU A 155 24.28 -22.93 1.71
N CYS A 156 23.48 -21.86 1.72
CA CYS A 156 23.93 -20.54 1.30
C CYS A 156 24.40 -20.55 -0.16
N ARG A 157 23.60 -21.18 -1.02
CA ARG A 157 23.90 -21.20 -2.45
C ARG A 157 23.25 -20.02 -3.18
N MET A 158 22.12 -19.53 -2.67
CA MET A 158 21.44 -18.42 -3.30
C MET A 158 20.50 -17.77 -2.30
N ILE A 159 20.09 -16.54 -2.62
CA ILE A 159 19.02 -15.85 -1.90
C ILE A 159 17.81 -15.78 -2.83
N GLY A 160 16.68 -16.26 -2.35
CA GLY A 160 15.44 -16.24 -3.11
C GLY A 160 14.49 -15.16 -2.60
N LEU A 161 14.03 -14.32 -3.52
CA LEU A 161 13.16 -13.20 -3.19
C LEU A 161 11.88 -13.32 -4.01
N ARG A 162 10.75 -13.16 -3.33
CA ARG A 162 9.45 -13.05 -3.96
C ARG A 162 8.99 -11.61 -3.75
N LEU A 163 9.09 -10.81 -4.81
CA LEU A 163 8.71 -9.40 -4.77
C LEU A 163 7.50 -9.08 -5.62
N TYR A 164 7.32 -9.76 -6.76
CA TYR A 164 6.21 -9.52 -7.66
C TYR A 164 5.56 -10.84 -8.04
N ASP A 165 4.28 -10.78 -8.38
CA ASP A 165 3.56 -11.98 -8.78
C ASP A 165 4.13 -12.53 -10.09
N GLY A 166 4.29 -13.84 -10.15
CA GLY A 166 4.75 -14.52 -11.35
C GLY A 166 6.25 -14.52 -11.55
N LEU A 167 7.03 -13.98 -10.61
CA LEU A 167 8.47 -13.95 -10.73
C LEU A 167 9.11 -14.35 -9.41
N PHE A 168 10.30 -14.93 -9.49
CA PHE A 168 11.08 -15.33 -8.33
C PHE A 168 12.53 -14.94 -8.60
N LYS A 169 13.05 -13.98 -7.84
CA LYS A 169 14.41 -13.49 -8.06
C LYS A 169 15.39 -14.36 -7.29
N VAL A 170 16.50 -14.69 -7.95
CA VAL A 170 17.55 -15.51 -7.37
C VAL A 170 18.84 -14.72 -7.43
N ILE A 171 19.51 -14.59 -6.29
CA ILE A 171 20.79 -13.91 -6.15
C ILE A 171 21.84 -14.97 -5.82
N PRO A 172 22.72 -15.33 -6.75
CA PRO A 172 23.80 -16.27 -6.41
C PRO A 172 24.75 -15.67 -5.37
N LEU A 173 25.36 -16.57 -4.59
CA LEU A 173 26.22 -16.17 -3.47
C LEU A 173 27.66 -16.64 -3.68
N ASP A 174 28.18 -16.47 -4.89
CA ASP A 174 29.57 -16.81 -5.19
C ASP A 174 30.48 -15.68 -4.71
N ARG A 175 31.17 -15.91 -3.60
CA ARG A 175 31.99 -14.86 -3.00
C ARG A 175 33.19 -14.52 -3.87
N ASP A 176 33.75 -15.50 -4.57
CA ASP A 176 34.93 -15.28 -5.41
C ASP A 176 34.52 -14.62 -6.73
N ASN A 177 33.88 -13.46 -6.61
CA ASN A 177 33.41 -12.72 -7.76
C ASN A 177 33.23 -11.26 -7.33
N LYS A 178 33.19 -10.38 -8.34
CA LYS A 178 32.92 -8.97 -8.12
C LYS A 178 31.48 -8.59 -8.39
N GLU A 179 30.65 -9.54 -8.83
CA GLU A 179 29.29 -9.24 -9.28
C GLU A 179 28.37 -10.37 -8.90
N LEU A 180 27.29 -10.06 -8.18
CA LEU A 180 26.22 -11.01 -7.90
C LEU A 180 25.11 -10.80 -8.92
N LYS A 181 24.96 -11.75 -9.85
CA LYS A 181 24.05 -11.60 -10.97
C LYS A 181 22.68 -12.11 -10.55
N ALA A 182 21.82 -11.20 -10.09
CA ALA A 182 20.46 -11.55 -9.71
C ALA A 182 19.61 -11.70 -10.97
N PHE A 183 18.83 -12.78 -11.04
CA PHE A 183 18.01 -13.04 -12.22
C PHE A 183 16.64 -13.54 -11.81
N ASN A 184 15.67 -13.33 -12.69
CA ASN A 184 14.29 -13.74 -12.44
C ASN A 184 14.03 -15.11 -13.04
N ILE A 185 13.15 -15.86 -12.37
CA ILE A 185 12.65 -17.15 -12.85
C ILE A 185 11.14 -17.07 -12.85
N ARG A 186 10.52 -17.49 -13.95
CA ARG A 186 9.08 -17.41 -14.08
C ARG A 186 8.39 -18.41 -13.15
N LEU A 187 7.31 -17.96 -12.52
CA LEU A 187 6.46 -18.81 -11.71
C LEU A 187 5.14 -19.02 -12.44
N GLU A 188 4.81 -20.28 -12.70
CA GLU A 188 3.51 -20.59 -13.28
C GLU A 188 2.37 -20.26 -12.32
N GLU A 189 2.65 -20.20 -11.03
CA GLU A 189 1.65 -19.87 -10.00
C GLU A 189 1.83 -18.40 -9.63
N LEU A 190 0.78 -17.61 -9.83
CA LEU A 190 0.88 -16.17 -9.61
C LEU A 190 0.64 -15.81 -8.14
N HIS A 191 -0.28 -16.51 -7.48
CA HIS A 191 -0.65 -16.18 -6.10
C HIS A 191 0.00 -17.21 -5.17
N VAL A 192 1.24 -16.91 -4.80
CA VAL A 192 2.00 -17.76 -3.90
C VAL A 192 1.74 -17.31 -2.46
N ILE A 193 1.31 -18.25 -1.62
CA ILE A 193 0.98 -17.92 -0.24
C ILE A 193 2.24 -17.85 0.62
N ASP A 194 3.08 -18.87 0.54
CA ASP A 194 4.31 -18.89 1.32
C ASP A 194 5.33 -19.77 0.62
N VAL A 195 6.59 -19.62 1.02
CA VAL A 195 7.68 -20.34 0.35
C VAL A 195 8.87 -20.42 1.29
N LYS A 196 9.54 -21.58 1.28
CA LYS A 196 10.75 -21.82 2.04
C LYS A 196 11.71 -22.63 1.18
N PHE A 197 12.94 -22.75 1.67
CA PHE A 197 13.95 -23.63 1.07
C PHE A 197 14.02 -24.91 1.88
N LEU A 198 14.01 -26.04 1.18
CA LEU A 198 14.06 -27.33 1.86
C LEU A 198 15.47 -27.64 2.34
N TYR A 199 15.55 -28.46 3.38
CA TYR A 199 16.81 -28.89 3.95
C TYR A 199 17.23 -30.23 3.36
N GLY A 200 18.54 -30.48 3.38
CA GLY A 200 19.08 -31.76 2.96
C GLY A 200 18.76 -32.11 1.53
N CYS A 201 18.98 -31.17 0.61
CA CYS A 201 18.75 -31.37 -0.81
C CYS A 201 20.06 -31.17 -1.57
N GLN A 202 20.33 -32.07 -2.52
CA GLN A 202 21.57 -31.97 -3.29
C GLN A 202 21.57 -30.69 -4.13
N ALA A 203 20.44 -30.35 -4.72
CA ALA A 203 20.28 -29.09 -5.42
C ALA A 203 19.30 -28.20 -4.67
N PRO A 204 19.51 -26.88 -4.67
CA PRO A 204 18.63 -26.00 -3.89
C PRO A 204 17.17 -26.18 -4.26
N THR A 205 16.40 -26.69 -3.31
CA THR A 205 14.99 -27.02 -3.53
C THR A 205 14.11 -26.04 -2.78
N ILE A 206 13.02 -25.64 -3.41
CA ILE A 206 12.11 -24.63 -2.88
C ILE A 206 10.73 -25.25 -2.76
N CYS A 207 10.11 -25.13 -1.58
CA CYS A 207 8.77 -25.65 -1.33
C CYS A 207 7.86 -24.49 -0.97
N PHE A 208 6.75 -24.38 -1.69
CA PHE A 208 5.86 -23.24 -1.50
C PHE A 208 4.40 -23.69 -1.56
N VAL A 209 3.58 -22.99 -0.78
CA VAL A 209 2.13 -23.12 -0.82
C VAL A 209 1.57 -21.97 -1.65
N TYR A 210 0.75 -22.31 -2.64
CA TYR A 210 0.13 -21.35 -3.54
C TYR A 210 -1.36 -21.66 -3.65
N GLN A 211 -2.08 -20.83 -4.38
CA GLN A 211 -3.51 -20.99 -4.56
C GLN A 211 -3.89 -20.89 -6.04
N ASP A 212 -4.93 -21.62 -6.41
CA ASP A 212 -5.50 -21.60 -7.75
C ASP A 212 -7.01 -21.81 -7.61
N PRO A 213 -7.78 -21.79 -8.70
CA PRO A 213 -9.24 -21.93 -8.54
C PRO A 213 -9.65 -23.20 -7.82
N GLN A 214 -8.85 -24.27 -7.91
CA GLN A 214 -9.20 -25.50 -7.20
C GLN A 214 -9.03 -25.35 -5.70
N GLY A 215 -8.06 -24.57 -5.26
CA GLY A 215 -7.78 -24.39 -3.85
C GLY A 215 -6.31 -24.12 -3.62
N ARG A 216 -5.85 -24.40 -2.40
CA ARG A 216 -4.46 -24.22 -2.04
C ARG A 216 -3.69 -25.53 -2.18
N HIS A 217 -2.50 -25.45 -2.77
CA HIS A 217 -1.65 -26.62 -2.99
C HIS A 217 -0.24 -26.31 -2.53
N VAL A 218 0.45 -27.34 -2.04
CA VAL A 218 1.87 -27.27 -1.75
C VAL A 218 2.62 -27.91 -2.91
N LYS A 219 3.67 -27.24 -3.38
CA LYS A 219 4.42 -27.69 -4.54
C LYS A 219 5.90 -27.47 -4.27
N THR A 220 6.74 -28.17 -5.03
CA THR A 220 8.18 -28.11 -4.86
C THR A 220 8.85 -27.97 -6.22
N TYR A 221 9.86 -27.11 -6.28
CA TYR A 221 10.68 -26.89 -7.46
C TYR A 221 12.15 -27.09 -7.09
N GLU A 222 12.97 -27.32 -8.12
CA GLU A 222 14.42 -27.38 -7.96
C GLU A 222 15.01 -26.21 -8.73
N VAL A 223 15.75 -25.34 -8.04
CA VAL A 223 16.25 -24.12 -8.65
C VAL A 223 17.59 -24.42 -9.32
N SER A 224 17.63 -24.27 -10.64
CA SER A 224 18.83 -24.50 -11.43
C SER A 224 19.45 -23.15 -11.76
N LEU A 225 20.66 -22.91 -11.22
CA LEU A 225 21.36 -21.66 -11.49
C LEU A 225 21.94 -21.64 -12.90
N ARG A 226 22.51 -22.77 -13.34
CA ARG A 226 23.12 -22.82 -14.67
C ARG A 226 22.09 -22.49 -15.74
N GLU A 227 20.95 -23.19 -15.72
CA GLU A 227 19.88 -22.90 -16.66
C GLU A 227 18.98 -21.77 -16.21
N LYS A 228 19.15 -21.30 -14.97
CA LYS A 228 18.33 -20.20 -14.44
C LYS A 228 16.85 -20.51 -14.58
N GLU A 229 16.43 -21.65 -14.03
CA GLU A 229 15.05 -22.09 -14.22
C GLU A 229 14.63 -22.99 -13.06
N PHE A 230 13.44 -23.56 -13.19
CA PHE A 230 12.89 -24.48 -12.20
C PHE A 230 12.72 -25.85 -12.84
N ASN A 231 13.16 -26.87 -12.13
CA ASN A 231 13.02 -28.26 -12.55
C ASN A 231 12.08 -28.99 -11.59
N LYS A 232 11.67 -30.18 -12.00
CA LYS A 232 10.74 -30.98 -11.22
C LYS A 232 11.26 -31.13 -9.79
N GLY A 233 10.37 -30.93 -8.83
CA GLY A 233 10.72 -31.01 -7.42
C GLY A 233 10.88 -32.43 -6.96
N PRO A 234 11.57 -32.60 -5.83
CA PRO A 234 11.80 -33.96 -5.31
C PRO A 234 10.51 -34.74 -5.07
N TRP A 235 9.45 -34.09 -4.60
CA TRP A 235 8.18 -34.73 -4.37
C TRP A 235 7.03 -33.89 -4.92
N LYS A 236 6.04 -34.59 -5.44
CA LYS A 236 4.93 -34.01 -6.19
C LYS A 236 4.01 -33.20 -5.29
N GLN A 237 3.24 -32.31 -5.91
CA GLN A 237 2.33 -31.45 -5.17
C GLN A 237 1.21 -32.26 -4.53
N GLU A 238 0.72 -31.75 -3.40
CA GLU A 238 -0.37 -32.37 -2.67
C GLU A 238 -1.32 -31.27 -2.20
N ASN A 239 -2.61 -31.59 -2.13
CA ASN A 239 -3.61 -30.62 -1.74
C ASN A 239 -3.52 -30.33 -0.24
N VAL A 240 -3.44 -29.05 0.11
CA VAL A 240 -3.31 -28.66 1.50
C VAL A 240 -4.59 -27.95 1.93
N GLU A 241 -4.67 -27.57 3.21
CA GLU A 241 -5.88 -26.96 3.76
C GLU A 241 -6.31 -25.75 2.95
N ALA A 242 -7.60 -25.43 3.00
CA ALA A 242 -8.10 -24.29 2.24
C ALA A 242 -7.51 -22.98 2.75
N GLU A 243 -7.04 -22.96 3.98
CA GLU A 243 -6.44 -21.78 4.59
C GLU A 243 -4.98 -22.03 5.00
N ALA A 244 -4.31 -22.98 4.35
CA ALA A 244 -2.90 -23.21 4.63
C ALA A 244 -2.10 -21.97 4.30
N SER A 245 -1.33 -21.47 5.27
CA SER A 245 -0.64 -20.20 5.11
C SER A 245 0.81 -20.19 5.56
N MET A 246 1.28 -21.18 6.32
CA MET A 246 2.65 -21.15 6.82
C MET A 246 3.39 -22.41 6.39
N VAL A 247 4.62 -22.23 5.92
CA VAL A 247 5.50 -23.33 5.52
C VAL A 247 6.72 -23.30 6.42
N ILE A 248 7.05 -24.44 7.02
CA ILE A 248 8.24 -24.59 7.86
C ILE A 248 9.11 -25.66 7.23
N ALA A 249 10.38 -25.32 7.00
CA ALA A 249 11.34 -26.29 6.47
C ALA A 249 11.99 -27.01 7.64
N VAL A 250 11.61 -28.26 7.86
CA VAL A 250 12.17 -29.02 8.98
C VAL A 250 13.60 -29.40 8.66
N PRO A 251 14.56 -29.17 9.56
CA PRO A 251 15.96 -29.53 9.25
C PRO A 251 16.22 -31.02 9.29
N GLU A 252 17.45 -31.42 9.01
CA GLU A 252 17.82 -32.82 9.12
C GLU A 252 17.78 -33.26 10.57
N PRO A 253 17.53 -34.55 10.83
CA PRO A 253 17.34 -35.65 9.88
C PRO A 253 15.90 -35.76 9.36
N PHE A 254 14.95 -35.03 9.92
CA PHE A 254 13.56 -35.16 9.49
C PHE A 254 13.40 -34.79 8.02
N GLY A 255 13.89 -33.62 7.63
CA GLY A 255 13.66 -33.14 6.30
C GLY A 255 12.18 -32.84 6.07
N GLY A 256 11.86 -32.53 4.82
CA GLY A 256 10.49 -32.28 4.46
C GLY A 256 10.01 -30.90 4.88
N ALA A 257 8.69 -30.75 4.98
CA ALA A 257 8.08 -29.47 5.31
C ALA A 257 6.85 -29.70 6.16
N ILE A 258 6.50 -28.67 6.93
CA ILE A 258 5.30 -28.64 7.73
C ILE A 258 4.42 -27.50 7.22
N ILE A 259 3.19 -27.82 6.88
CA ILE A 259 2.21 -26.85 6.42
C ILE A 259 1.23 -26.59 7.55
N ILE A 260 1.13 -25.33 7.96
CA ILE A 260 0.24 -24.91 9.04
C ILE A 260 -0.85 -24.03 8.43
N GLY A 261 -2.10 -24.39 8.69
CA GLY A 261 -3.24 -23.62 8.26
C GLY A 261 -4.08 -23.17 9.44
N GLN A 262 -5.40 -23.27 9.32
CA GLN A 262 -6.32 -22.82 10.36
C GLN A 262 -6.92 -23.94 11.16
N GLU A 263 -7.08 -25.13 10.58
CA GLU A 263 -7.70 -26.26 11.26
C GLU A 263 -6.78 -27.45 11.44
N SER A 264 -5.65 -27.50 10.74
CA SER A 264 -4.81 -28.69 10.77
C SER A 264 -3.35 -28.32 10.55
N ILE A 265 -2.47 -29.22 10.96
CA ILE A 265 -1.04 -29.13 10.70
C ILE A 265 -0.62 -30.41 10.01
N THR A 266 0.01 -30.29 8.84
CA THR A 266 0.42 -31.42 8.05
C THR A 266 1.93 -31.43 7.86
N TYR A 267 2.47 -32.62 7.63
CA TYR A 267 3.89 -32.82 7.36
C TYR A 267 4.02 -33.62 6.08
N HIS A 268 4.87 -33.12 5.17
CA HIS A 268 5.08 -33.72 3.86
C HIS A 268 6.56 -33.99 3.65
N ASN A 269 6.89 -35.19 3.21
CA ASN A 269 8.25 -35.51 2.78
C ASN A 269 8.23 -36.37 1.52
N GLY A 270 7.16 -36.28 0.74
CA GLY A 270 7.00 -37.11 -0.44
C GLY A 270 6.07 -38.28 -0.17
N ASP A 271 6.63 -39.49 -0.11
CA ASP A 271 5.82 -40.65 0.23
C ASP A 271 5.26 -40.58 1.64
N LYS A 272 5.81 -39.72 2.49
CA LYS A 272 5.37 -39.60 3.87
C LYS A 272 4.45 -38.39 4.01
N TYR A 273 3.24 -38.62 4.54
CA TYR A 273 2.28 -37.56 4.80
C TYR A 273 1.69 -37.82 6.18
N LEU A 274 1.64 -36.78 7.02
CA LEU A 274 1.23 -36.92 8.41
C LEU A 274 0.42 -35.69 8.83
N ALA A 275 -0.87 -35.86 9.03
CA ALA A 275 -1.75 -34.74 9.34
C ALA A 275 -2.33 -34.88 10.75
N ILE A 276 -2.48 -33.75 11.43
CA ILE A 276 -3.18 -33.68 12.70
C ILE A 276 -4.14 -32.50 12.67
N ALA A 277 -5.20 -32.59 13.47
CA ALA A 277 -6.22 -31.54 13.56
C ALA A 277 -6.48 -31.25 15.03
N PRO A 278 -5.56 -30.55 15.69
CA PRO A 278 -5.74 -30.27 17.11
C PRO A 278 -6.80 -29.20 17.33
N PRO A 279 -7.81 -29.48 18.14
CA PRO A 279 -8.86 -28.47 18.37
C PRO A 279 -8.34 -27.19 19.01
N ILE A 280 -7.24 -27.27 19.77
CA ILE A 280 -6.77 -26.12 20.54
C ILE A 280 -6.48 -24.94 19.61
N ILE A 281 -5.93 -25.21 18.42
CA ILE A 281 -5.56 -24.14 17.50
C ILE A 281 -6.72 -23.66 16.66
N LYS A 282 -7.94 -24.12 16.92
CA LYS A 282 -9.08 -23.75 16.11
C LYS A 282 -9.57 -22.32 16.37
N GLN A 283 -9.33 -21.78 17.55
CA GLN A 283 -9.91 -20.50 17.95
C GLN A 283 -9.14 -19.28 17.42
N SER A 284 -8.01 -19.49 16.75
CA SER A 284 -7.24 -18.37 16.22
C SER A 284 -6.38 -18.88 15.07
N THR A 285 -5.54 -18.00 14.53
CA THR A 285 -4.67 -18.30 13.41
C THR A 285 -3.22 -18.20 13.84
N ILE A 286 -2.44 -19.25 13.57
CA ILE A 286 -1.01 -19.22 13.84
C ILE A 286 -0.36 -18.27 12.85
N VAL A 287 0.40 -17.30 13.37
CA VAL A 287 0.95 -16.23 12.54
C VAL A 287 2.47 -16.28 12.51
N CYS A 288 3.09 -16.76 13.57
CA CYS A 288 4.54 -16.79 13.66
C CYS A 288 5.02 -18.14 14.18
N HIS A 289 6.26 -18.47 13.82
CA HIS A 289 6.86 -19.71 14.26
C HIS A 289 8.35 -19.50 14.48
N ASN A 290 8.94 -20.40 15.27
CA ASN A 290 10.38 -20.40 15.51
C ASN A 290 10.82 -21.81 15.84
N ARG A 291 12.05 -22.13 15.50
CA ARG A 291 12.62 -23.45 15.75
C ARG A 291 13.41 -23.41 17.05
N VAL A 292 13.00 -24.24 18.01
CA VAL A 292 13.66 -24.29 19.32
C VAL A 292 14.91 -25.17 19.21
N ASP A 293 14.71 -26.45 18.90
CA ASP A 293 15.82 -27.38 18.81
C ASP A 293 16.53 -27.23 17.46
N PRO A 294 17.85 -27.33 17.43
CA PRO A 294 18.56 -27.25 16.14
C PRO A 294 18.20 -28.39 15.20
N ASN A 295 17.66 -29.49 15.70
CA ASN A 295 17.30 -30.64 14.86
C ASN A 295 15.83 -30.67 14.51
N GLY A 296 15.07 -29.62 14.83
CA GLY A 296 13.67 -29.55 14.46
C GLY A 296 12.72 -30.30 15.36
N SER A 297 13.18 -30.75 16.53
CA SER A 297 12.31 -31.53 17.40
C SER A 297 11.15 -30.69 17.91
N ARG A 298 11.40 -29.44 18.31
CA ARG A 298 10.40 -28.58 18.91
C ARG A 298 10.29 -27.28 18.12
N TYR A 299 9.06 -26.77 18.01
CA TYR A 299 8.81 -25.46 17.42
C TYR A 299 7.90 -24.66 18.33
N LEU A 300 8.12 -23.34 18.35
CA LEU A 300 7.23 -22.42 19.05
C LEU A 300 6.31 -21.78 18.02
N LEU A 301 5.01 -21.77 18.31
CA LEU A 301 4.01 -21.19 17.42
C LEU A 301 3.25 -20.09 18.15
N GLY A 302 3.01 -18.99 17.45
CA GLY A 302 2.28 -17.86 17.99
C GLY A 302 1.14 -17.44 17.11
N ASP A 303 -0.05 -17.30 17.70
CA ASP A 303 -1.27 -16.97 16.98
C ASP A 303 -1.64 -15.51 17.21
N MET A 304 -2.80 -15.11 16.69
CA MET A 304 -3.20 -13.70 16.65
C MET A 304 -3.72 -13.17 17.97
N GLU A 305 -4.04 -14.02 18.95
CA GLU A 305 -4.55 -13.53 20.23
C GLU A 305 -3.57 -13.84 21.37
N GLY A 306 -2.29 -13.96 21.04
CA GLY A 306 -1.25 -14.03 22.04
C GLY A 306 -0.99 -15.38 22.66
N ARG A 307 -1.65 -16.44 22.17
CA ARG A 307 -1.40 -17.77 22.72
C ARG A 307 -0.13 -18.36 22.11
N LEU A 308 0.66 -19.01 22.95
CA LEU A 308 1.92 -19.62 22.55
C LEU A 308 1.79 -21.13 22.69
N PHE A 309 2.06 -21.85 21.60
CA PHE A 309 1.99 -23.30 21.53
C PHE A 309 3.38 -23.87 21.27
N MET A 310 3.55 -25.13 21.64
CA MET A 310 4.74 -25.90 21.28
C MET A 310 4.31 -27.05 20.36
N LEU A 311 4.94 -27.12 19.20
CA LEU A 311 4.70 -28.19 18.24
C LEU A 311 5.84 -29.21 18.36
N LEU A 312 5.46 -30.46 18.65
CA LEU A 312 6.41 -31.54 18.89
C LEU A 312 6.47 -32.46 17.68
N LEU A 313 7.66 -32.99 17.41
CA LEU A 313 7.89 -33.93 16.32
C LEU A 313 8.51 -35.18 16.89
N GLU A 314 7.73 -36.26 16.99
CA GLU A 314 8.24 -37.53 17.49
C GLU A 314 9.02 -38.25 16.40
N LYS A 315 10.08 -38.94 16.82
CA LYS A 315 10.99 -39.60 15.90
C LYS A 315 11.12 -41.09 16.25
N GLU A 316 11.26 -41.90 15.21
CA GLU A 316 11.52 -43.33 15.35
C GLU A 316 12.79 -43.65 14.56
N GLU A 317 13.70 -44.38 15.17
CA GLU A 317 14.96 -44.76 14.54
C GLU A 317 14.77 -46.13 13.89
N GLN A 318 14.81 -46.16 12.57
CA GLN A 318 14.70 -47.42 11.86
C GLN A 318 15.97 -48.24 12.03
N MET A 319 15.84 -49.54 11.84
CA MET A 319 16.96 -50.45 12.03
C MET A 319 18.03 -50.17 10.99
N ASP A 320 19.19 -49.69 11.45
CA ASP A 320 20.30 -49.34 10.57
C ASP A 320 19.84 -48.38 9.47
N GLY A 321 19.05 -47.38 9.86
CA GLY A 321 18.52 -46.44 8.90
C GLY A 321 18.24 -45.10 9.55
N THR A 322 17.84 -44.15 8.71
CA THR A 322 17.56 -42.80 9.18
C THR A 322 16.30 -42.77 10.04
N VAL A 323 16.19 -41.72 10.84
CA VAL A 323 15.04 -41.55 11.72
C VAL A 323 13.91 -40.88 10.95
N THR A 324 12.67 -41.26 11.28
CA THR A 324 11.50 -40.75 10.59
C THR A 324 10.45 -40.28 11.59
N LEU A 325 9.65 -39.30 11.17
CA LEU A 325 8.62 -38.75 12.02
C LEU A 325 7.54 -39.78 12.30
N LYS A 326 7.03 -39.80 13.53
CA LYS A 326 5.90 -40.64 13.90
C LYS A 326 4.60 -39.87 14.07
N ASP A 327 4.63 -38.71 14.71
CA ASP A 327 3.41 -37.99 15.03
C ASP A 327 3.75 -36.53 15.29
N LEU A 328 2.71 -35.70 15.29
CA LEU A 328 2.79 -34.29 15.63
C LEU A 328 1.89 -34.02 16.83
N ARG A 329 2.43 -33.35 17.83
CA ARG A 329 1.68 -33.00 19.03
C ARG A 329 1.81 -31.51 19.29
N VAL A 330 0.67 -30.85 19.51
CA VAL A 330 0.62 -29.42 19.81
C VAL A 330 0.11 -29.25 21.24
N GLU A 331 0.88 -28.54 22.05
CA GLU A 331 0.51 -28.26 23.43
C GLU A 331 0.53 -26.76 23.66
N LEU A 332 -0.46 -26.26 24.38
CA LEU A 332 -0.60 -24.83 24.64
C LEU A 332 0.38 -24.44 25.75
N LEU A 333 1.47 -23.76 25.36
CA LEU A 333 2.44 -23.33 26.36
C LEU A 333 1.85 -22.27 27.28
N GLY A 334 1.13 -21.31 26.72
CA GLY A 334 0.52 -20.30 27.58
C GLY A 334 0.09 -19.08 26.80
N GLU A 335 0.19 -17.92 27.45
CA GLU A 335 -0.26 -16.66 26.89
C GLU A 335 0.86 -15.63 26.97
N THR A 336 1.11 -14.95 25.85
CA THR A 336 2.06 -13.86 25.78
C THR A 336 1.38 -12.66 25.12
N SER A 337 2.16 -11.62 24.87
CA SER A 337 1.66 -10.52 24.06
C SER A 337 1.44 -11.00 22.63
N ILE A 338 0.63 -10.26 21.88
CA ILE A 338 0.32 -10.65 20.51
C ILE A 338 1.61 -10.56 19.70
N ALA A 339 2.18 -11.71 19.38
CA ALA A 339 3.51 -11.77 18.80
C ALA A 339 3.48 -11.49 17.30
N GLU A 340 4.37 -10.61 16.86
CA GLU A 340 4.67 -10.48 15.44
C GLU A 340 5.73 -11.48 15.03
N CYS A 341 6.62 -11.83 15.95
CA CYS A 341 7.66 -12.82 15.70
C CYS A 341 8.13 -13.39 17.03
N LEU A 342 8.71 -14.59 16.95
CA LEU A 342 9.24 -15.29 18.12
C LEU A 342 10.68 -15.67 17.85
N THR A 343 11.48 -15.73 18.91
CA THR A 343 12.82 -16.27 18.77
C THR A 343 13.28 -16.84 20.11
N TYR A 344 13.65 -18.11 20.10
CA TYR A 344 14.14 -18.80 21.29
C TYR A 344 15.61 -18.42 21.51
N LEU A 345 15.92 -17.87 22.68
CA LEU A 345 17.27 -17.38 22.94
C LEU A 345 18.15 -18.44 23.60
N ASP A 346 17.79 -18.86 24.80
CA ASP A 346 18.59 -19.84 25.54
C ASP A 346 17.94 -20.21 26.86
N ASN A 347 18.23 -21.41 27.36
CA ASN A 347 17.78 -21.84 28.69
C ASN A 347 16.29 -21.60 28.89
N GLY A 348 15.50 -21.80 27.85
CA GLY A 348 14.07 -21.65 27.93
C GLY A 348 13.57 -20.22 27.78
N VAL A 349 14.47 -19.26 27.58
CA VAL A 349 14.06 -17.87 27.40
C VAL A 349 13.62 -17.67 25.96
N VAL A 350 12.51 -16.95 25.77
CA VAL A 350 11.95 -16.69 24.46
C VAL A 350 11.67 -15.19 24.34
N PHE A 351 12.13 -14.59 23.25
CA PHE A 351 11.81 -13.21 22.94
C PHE A 351 10.59 -13.15 22.03
N VAL A 352 9.57 -12.44 22.46
CA VAL A 352 8.33 -12.23 21.73
C VAL A 352 8.35 -10.80 21.23
N GLY A 353 8.52 -10.62 19.92
CA GLY A 353 8.48 -9.31 19.32
C GLY A 353 7.09 -9.01 18.81
N SER A 354 6.53 -7.89 19.27
CA SER A 354 5.13 -7.56 19.02
C SER A 354 5.02 -6.20 18.35
N ARG A 355 4.04 -6.08 17.45
CA ARG A 355 3.69 -4.82 16.81
C ARG A 355 2.56 -4.09 17.52
N LEU A 356 1.54 -4.82 17.96
CA LEU A 356 0.35 -4.23 18.58
C LEU A 356 0.46 -4.16 20.10
N GLY A 357 1.58 -4.58 20.67
CA GLY A 357 1.75 -4.52 22.10
C GLY A 357 3.21 -4.44 22.47
N ASP A 358 3.46 -4.46 23.77
CA ASP A 358 4.83 -4.39 24.26
C ASP A 358 5.58 -5.67 23.93
N SER A 359 6.83 -5.54 23.51
CA SER A 359 7.65 -6.72 23.30
C SER A 359 7.99 -7.33 24.67
N GLN A 360 8.50 -8.55 24.65
CA GLN A 360 8.55 -9.30 25.89
C GLN A 360 9.65 -10.35 25.86
N LEU A 361 10.23 -10.61 27.04
CA LEU A 361 11.10 -11.76 27.29
C LEU A 361 10.39 -12.65 28.29
N VAL A 362 10.08 -13.88 27.89
CA VAL A 362 9.36 -14.82 28.73
C VAL A 362 10.24 -16.03 29.00
N LYS A 363 9.89 -16.77 30.05
CA LYS A 363 10.58 -17.98 30.44
C LYS A 363 9.64 -19.16 30.26
N LEU A 364 10.15 -20.24 29.67
CA LEU A 364 9.42 -21.49 29.54
C LEU A 364 9.84 -22.41 30.67
N ASN A 365 8.89 -22.81 31.51
CA ASN A 365 9.16 -23.63 32.67
C ASN A 365 8.71 -25.07 32.41
N VAL A 366 9.50 -26.02 32.91
CA VAL A 366 9.16 -27.42 32.74
C VAL A 366 7.86 -27.75 33.47
N ASP A 367 7.63 -27.12 34.62
CA ASP A 367 6.44 -27.34 35.42
C ASP A 367 5.53 -26.12 35.33
N SER A 368 4.25 -26.36 35.06
CA SER A 368 3.30 -25.27 34.96
C SER A 368 2.97 -24.71 36.34
N ASN A 369 2.35 -23.53 36.35
CA ASN A 369 1.98 -22.86 37.58
C ASN A 369 0.56 -23.27 37.97
N GLU A 370 0.01 -22.62 39.00
CA GLU A 370 -1.33 -22.96 39.47
C GLU A 370 -2.38 -22.80 38.36
N GLN A 371 -2.12 -21.91 37.41
CA GLN A 371 -3.05 -21.67 36.31
C GLN A 371 -2.79 -22.58 35.11
N GLY A 372 -1.84 -23.50 35.23
CA GLY A 372 -1.49 -24.35 34.11
C GLY A 372 -0.84 -23.59 32.98
N SER A 373 0.04 -22.65 33.30
CA SER A 373 0.75 -21.84 32.31
C SER A 373 2.24 -22.11 32.46
N TYR A 374 2.89 -22.49 31.35
CA TYR A 374 4.32 -22.72 31.34
C TYR A 374 5.12 -21.48 30.98
N VAL A 375 4.45 -20.34 30.77
CA VAL A 375 5.10 -19.10 30.38
C VAL A 375 4.96 -18.10 31.53
N VAL A 376 6.09 -17.57 31.99
CA VAL A 376 6.12 -16.50 32.98
C VAL A 376 6.93 -15.35 32.40
N ALA A 377 6.37 -14.15 32.45
CA ALA A 377 7.03 -13.00 31.86
C ALA A 377 8.25 -12.60 32.70
N MET A 378 9.38 -12.39 32.02
CA MET A 378 10.58 -11.90 32.66
C MET A 378 10.77 -10.41 32.47
N GLU A 379 10.66 -9.93 31.24
CA GLU A 379 10.93 -8.53 30.93
C GLU A 379 9.92 -8.03 29.91
N THR A 380 9.68 -6.72 29.92
CA THR A 380 8.76 -6.07 28.99
C THR A 380 9.45 -4.85 28.39
N PHE A 381 9.25 -4.66 27.08
CA PHE A 381 9.85 -3.56 26.34
C PHE A 381 8.73 -2.71 25.75
N THR A 382 8.80 -1.40 26.00
CA THR A 382 7.71 -0.50 25.66
C THR A 382 7.47 -0.47 24.15
N ASN A 383 6.20 -0.36 23.77
CA ASN A 383 5.81 -0.24 22.38
C ASN A 383 4.58 0.66 22.33
N LEU A 384 4.77 1.91 21.90
CA LEU A 384 3.67 2.86 21.79
C LEU A 384 2.83 2.65 20.55
N GLY A 385 3.27 1.82 19.61
CA GLY A 385 2.56 1.63 18.36
C GLY A 385 1.55 0.52 18.42
N PRO A 386 0.49 0.61 17.59
CA PRO A 386 0.16 1.72 16.68
C PRO A 386 -0.43 2.91 17.43
N ILE A 387 0.07 4.11 17.19
CA ILE A 387 -0.50 5.32 17.76
C ILE A 387 -1.63 5.77 16.83
N VAL A 388 -2.87 5.49 17.21
CA VAL A 388 -4.00 5.82 16.35
C VAL A 388 -4.53 7.22 16.60
N ASP A 389 -4.47 7.69 17.85
CA ASP A 389 -4.85 9.06 18.16
C ASP A 389 -4.04 9.52 19.37
N MET A 390 -3.95 10.83 19.53
CA MET A 390 -3.25 11.38 20.67
C MET A 390 -3.67 12.84 20.87
N CYS A 391 -3.42 13.34 22.07
CA CYS A 391 -3.72 14.72 22.43
C CYS A 391 -2.60 15.27 23.30
N VAL A 392 -2.47 16.59 23.29
CA VAL A 392 -1.48 17.28 24.11
C VAL A 392 -2.22 18.03 25.21
N VAL A 393 -1.90 17.71 26.46
CA VAL A 393 -2.58 18.30 27.60
C VAL A 393 -1.54 18.74 28.62
N ASP A 394 -1.92 19.73 29.43
CA ASP A 394 -1.08 20.23 30.51
C ASP A 394 -1.77 19.85 31.82
N LEU A 395 -1.54 18.63 32.29
CA LEU A 395 -2.17 18.12 33.50
C LEU A 395 -1.58 18.74 34.76
N GLU A 396 -0.25 18.81 34.83
CA GLU A 396 0.40 19.38 36.01
C GLU A 396 0.27 20.90 36.07
N ARG A 397 -0.15 21.54 34.99
CA ARG A 397 -0.31 22.99 34.94
C ARG A 397 1.01 23.71 35.17
N GLN A 398 2.11 23.07 34.77
CA GLN A 398 3.44 23.65 34.91
C GLN A 398 3.97 24.26 33.62
N GLY A 399 3.11 24.38 32.60
CA GLY A 399 3.52 24.96 31.34
C GLY A 399 4.26 24.02 30.41
N GLN A 400 4.44 22.77 30.79
CA GLN A 400 5.10 21.78 29.95
C GLN A 400 4.09 20.72 29.54
N GLY A 401 3.96 20.50 28.23
CA GLY A 401 2.93 19.63 27.73
C GLY A 401 3.24 18.16 27.90
N GLN A 402 2.18 17.35 27.85
CA GLN A 402 2.27 15.90 27.91
C GLN A 402 1.38 15.30 26.82
N LEU A 403 1.82 14.17 26.28
CA LEU A 403 1.14 13.52 25.16
C LEU A 403 0.42 12.29 25.67
N VAL A 404 -0.90 12.27 25.51
CA VAL A 404 -1.71 11.11 25.86
C VAL A 404 -2.14 10.46 24.56
N THR A 405 -1.67 9.24 24.31
CA THR A 405 -1.85 8.55 23.05
C THR A 405 -2.64 7.27 23.25
N CYS A 406 -3.40 6.89 22.22
CA CYS A 406 -4.13 5.63 22.18
C CYS A 406 -3.24 4.61 21.47
N SER A 407 -2.60 3.73 22.23
CA SER A 407 -1.63 2.79 21.69
C SER A 407 -2.18 1.38 21.71
N GLY A 408 -1.52 0.50 20.96
CA GLY A 408 -1.87 -0.91 20.97
C GLY A 408 -3.20 -1.20 20.32
N ALA A 409 -3.59 -2.47 20.41
CA ALA A 409 -4.87 -2.92 19.88
C ALA A 409 -5.24 -4.24 20.53
N PHE A 410 -6.54 -4.51 20.56
CA PHE A 410 -7.07 -5.75 21.16
C PHE A 410 -6.68 -5.74 22.63
N LYS A 411 -6.30 -6.89 23.21
CA LYS A 411 -5.94 -6.93 24.62
C LYS A 411 -4.70 -6.10 24.91
N GLU A 412 -3.93 -5.74 23.90
CA GLU A 412 -2.71 -4.97 24.08
C GLU A 412 -2.95 -3.46 24.00
N GLY A 413 -4.18 -3.03 23.76
CA GLY A 413 -4.45 -1.61 23.69
C GLY A 413 -4.40 -0.95 25.05
N SER A 414 -3.97 0.31 25.06
CA SER A 414 -3.76 1.04 26.31
C SER A 414 -3.66 2.52 26.00
N LEU A 415 -3.56 3.32 27.06
CA LEU A 415 -3.25 4.74 26.96
C LEU A 415 -1.82 4.96 27.41
N ARG A 416 -1.08 5.77 26.66
CA ARG A 416 0.30 6.08 26.98
C ARG A 416 0.42 7.56 27.31
N ILE A 417 0.94 7.87 28.49
CA ILE A 417 1.16 9.25 28.93
C ILE A 417 2.66 9.51 28.85
N ILE A 418 3.04 10.46 28.01
CA ILE A 418 4.43 10.69 27.64
C ILE A 418 4.81 12.10 28.05
N ARG A 419 5.92 12.23 28.77
CA ARG A 419 6.43 13.53 29.18
C ARG A 419 7.94 13.54 29.03
N ASN A 420 8.54 14.72 29.13
CA ASN A 420 9.98 14.87 29.07
C ASN A 420 10.57 14.87 30.48
N LEU A 434 12.70 10.82 28.18
CA LEU A 434 11.29 10.65 27.81
C LEU A 434 10.65 9.58 28.67
N HIS A 435 9.76 9.99 29.58
CA HIS A 435 9.09 9.10 30.51
C HIS A 435 7.72 8.73 29.98
N ILE A 436 7.39 7.44 30.02
CA ILE A 436 6.13 6.90 29.52
C ILE A 436 5.45 6.13 30.64
N ARG A 437 4.15 6.39 30.82
CA ARG A 437 3.31 5.68 31.77
C ARG A 437 2.20 4.97 31.00
N THR A 438 1.92 3.73 31.40
CA THR A 438 0.97 2.88 30.70
C THR A 438 -0.31 2.74 31.51
N VAL A 439 -1.45 2.88 30.85
CA VAL A 439 -2.76 2.60 31.42
C VAL A 439 -3.42 1.52 30.58
N PRO A 440 -3.31 0.26 30.98
CA PRO A 440 -3.90 -0.82 30.17
C PRO A 440 -5.41 -0.67 30.06
N LEU A 441 -5.92 -0.97 28.86
CA LEU A 441 -7.36 -0.97 28.61
C LEU A 441 -7.90 -2.33 28.21
N TYR A 442 -7.06 -3.22 27.69
CA TYR A 442 -7.47 -4.56 27.28
C TYR A 442 -8.53 -4.50 26.17
N GLU A 443 -8.51 -3.42 25.40
CA GLU A 443 -9.34 -3.28 24.22
C GLU A 443 -8.68 -2.25 23.31
N SER A 444 -9.29 -2.01 22.15
CA SER A 444 -8.70 -1.13 21.16
C SER A 444 -9.19 0.29 21.38
N PRO A 445 -8.32 1.24 21.76
CA PRO A 445 -8.74 2.64 21.82
C PRO A 445 -8.60 3.32 20.48
N ARG A 446 -9.59 4.15 20.14
CA ARG A 446 -9.67 4.75 18.81
C ARG A 446 -9.47 6.26 18.85
N LYS A 447 -10.29 7.00 19.60
CA LYS A 447 -10.20 8.45 19.70
C LYS A 447 -10.00 8.84 21.14
N ILE A 448 -9.37 9.99 21.36
CA ILE A 448 -9.17 10.55 22.69
C ILE A 448 -9.34 12.07 22.63
N CYS A 449 -10.05 12.61 23.61
CA CYS A 449 -10.19 14.06 23.73
C CYS A 449 -10.28 14.43 25.21
N TYR A 450 -9.67 15.54 25.58
CA TYR A 450 -9.56 15.94 26.97
C TYR A 450 -10.57 17.04 27.31
N GLN A 451 -11.30 16.86 28.41
CA GLN A 451 -12.16 17.89 28.99
C GLN A 451 -11.47 18.43 30.22
N GLU A 452 -11.02 19.68 30.14
CA GLU A 452 -10.41 20.33 31.29
C GLU A 452 -11.44 20.70 32.35
N VAL A 453 -12.62 21.14 31.92
CA VAL A 453 -13.66 21.52 32.89
C VAL A 453 -14.09 20.32 33.71
N SER A 454 -14.25 19.16 33.07
CA SER A 454 -14.62 17.94 33.77
C SER A 454 -13.43 17.19 34.33
N GLN A 455 -12.21 17.62 34.00
CA GLN A 455 -10.99 16.97 34.50
C GLN A 455 -10.95 15.50 34.08
N CYS A 456 -11.26 15.24 32.81
CA CYS A 456 -11.40 13.86 32.36
C CYS A 456 -10.96 13.71 30.91
N PHE A 457 -10.92 12.47 30.47
CA PHE A 457 -10.68 12.12 29.08
C PHE A 457 -11.87 11.31 28.56
N GLY A 458 -12.31 11.63 27.35
CA GLY A 458 -13.25 10.80 26.63
C GLY A 458 -12.50 10.01 25.59
N VAL A 459 -12.61 8.69 25.69
CA VAL A 459 -11.86 7.76 24.84
C VAL A 459 -12.85 6.84 24.14
N LEU A 460 -12.77 6.78 22.81
CA LEU A 460 -13.55 5.78 22.08
C LEU A 460 -12.76 4.48 22.01
N SER A 461 -13.42 3.40 22.40
CA SER A 461 -12.76 2.10 22.47
C SER A 461 -13.64 1.06 21.79
N SER A 462 -13.01 -0.02 21.34
CA SER A 462 -13.70 -1.11 20.66
C SER A 462 -13.22 -2.43 21.24
N ARG A 463 -14.15 -3.35 21.46
CA ARG A 463 -13.82 -4.70 21.91
C ARG A 463 -14.49 -5.72 21.02
N ILE A 464 -13.79 -6.83 20.78
CA ILE A 464 -14.32 -7.91 19.95
C ILE A 464 -15.17 -8.82 20.81
N GLU A 465 -16.31 -9.25 20.27
CA GLU A 465 -17.22 -10.14 20.97
C GLU A 465 -17.72 -11.21 20.00
N VAL A 466 -18.13 -12.35 20.57
CA VAL A 466 -18.58 -13.50 19.81
C VAL A 466 -20.08 -13.63 20.00
N GLN A 467 -20.79 -13.87 18.90
CA GLN A 467 -22.26 -13.93 18.91
C GLN A 467 -22.74 -15.29 19.44
N ASP A 468 -22.31 -15.60 20.66
CA ASP A 468 -22.68 -16.85 21.32
C ASP A 468 -24.01 -16.67 22.03
N THR A 469 -25.05 -17.32 21.53
CA THR A 469 -26.38 -17.22 22.12
C THR A 469 -26.63 -18.34 23.12
N GLY A 472 -26.91 -13.42 22.26
CA GLY A 472 -26.25 -12.31 21.60
C GLY A 472 -24.74 -12.41 21.64
N THR A 473 -24.09 -11.28 21.88
CA THR A 473 -22.63 -11.20 21.95
C THR A 473 -22.21 -11.17 23.41
N THR A 474 -21.50 -12.21 23.86
CA THR A 474 -21.24 -12.35 25.29
C THR A 474 -20.03 -11.53 25.73
N ALA A 475 -18.83 -11.93 25.31
CA ALA A 475 -17.61 -11.28 25.77
C ALA A 475 -16.42 -12.02 25.16
N LEU A 476 -15.22 -11.49 25.41
CA LEU A 476 -13.99 -12.25 25.19
C LEU A 476 -13.10 -12.20 26.42
N ARG A 477 -13.16 -11.10 27.17
CA ARG A 477 -12.33 -10.92 28.35
C ARG A 477 -12.76 -9.63 29.05
N PRO A 478 -12.50 -9.51 30.35
CA PRO A 478 -12.73 -8.22 31.01
C PRO A 478 -11.84 -7.13 30.43
N SER A 479 -12.39 -5.93 30.34
CA SER A 479 -11.68 -4.81 29.74
C SER A 479 -12.11 -3.53 30.44
N ALA A 480 -11.63 -2.39 29.93
CA ALA A 480 -11.96 -1.10 30.52
C ALA A 480 -13.45 -0.82 30.44
N SER A 481 -14.08 -1.12 29.30
CA SER A 481 -15.48 -0.80 29.10
C SER A 481 -16.41 -1.70 29.91
N THR A 482 -15.93 -2.82 30.43
CA THR A 482 -16.74 -3.72 31.24
C THR A 482 -16.42 -3.62 32.73
N GLN A 483 -15.36 -2.91 33.10
CA GLN A 483 -14.95 -2.76 34.49
C GLN A 483 -15.02 -1.29 34.92
N ALA A 484 -15.98 -0.56 34.37
CA ALA A 484 -16.16 0.85 34.70
C ALA A 484 -16.95 0.99 36.00
N LEU A 485 -16.69 2.10 36.71
CA LEU A 485 -17.42 2.36 37.95
C LEU A 485 -18.92 2.42 37.70
N SER A 486 -19.33 3.13 36.65
CA SER A 486 -20.71 3.18 36.21
C SER A 486 -20.76 2.93 34.72
N SER A 487 -21.90 2.46 34.24
CA SER A 487 -22.04 2.11 32.84
C SER A 487 -23.43 2.48 32.36
N SER A 488 -23.55 2.64 31.04
CA SER A 488 -24.82 2.96 30.42
C SER A 488 -24.83 2.38 29.01
N VAL A 489 -26.03 2.23 28.46
CA VAL A 489 -26.21 1.64 27.14
C VAL A 489 -27.13 2.55 26.33
N SER A 490 -26.80 2.69 25.04
CA SER A 490 -27.60 3.54 24.16
C SER A 490 -29.01 2.99 24.03
N SER A 491 -29.99 3.88 24.14
CA SER A 491 -31.40 3.55 23.95
C SER A 491 -31.95 4.56 22.95
N SER A 492 -31.80 4.28 21.66
CA SER A 492 -32.21 5.18 20.60
C SER A 492 -33.25 4.48 19.74
N LYS A 493 -34.38 5.17 19.50
CA LYS A 493 -35.44 4.61 18.67
C LYS A 493 -35.05 4.56 17.20
N LEU A 494 -34.08 5.36 16.77
CA LEU A 494 -33.68 5.39 15.38
C LEU A 494 -33.02 4.07 14.97
N PHE A 495 -33.14 3.76 13.69
CA PHE A 495 -32.59 2.55 13.06
C PHE A 495 -33.33 1.28 13.47
N SER A 496 -34.37 1.38 14.30
CA SER A 496 -35.10 0.18 14.71
C SER A 496 -35.76 -0.48 13.51
N SER A 497 -36.34 0.31 12.61
CA SER A 497 -36.99 -0.24 11.42
C SER A 497 -35.96 -0.78 10.44
N HIS A 502 -28.15 -7.14 7.24
CA HIS A 502 -28.28 -6.93 8.68
C HIS A 502 -28.46 -8.25 9.41
N GLU A 503 -28.04 -9.34 8.78
CA GLU A 503 -28.18 -10.67 9.36
C GLU A 503 -27.10 -10.91 10.40
N THR A 504 -27.10 -12.10 10.98
CA THR A 504 -26.15 -12.48 12.01
C THR A 504 -25.81 -13.95 11.85
N SER A 505 -25.03 -14.49 12.79
CA SER A 505 -24.66 -15.89 12.78
C SER A 505 -24.25 -16.28 14.20
N PHE A 506 -24.24 -17.59 14.46
CA PHE A 506 -23.83 -18.06 15.77
C PHE A 506 -22.37 -17.74 16.05
N GLY A 507 -21.50 -17.92 15.07
CA GLY A 507 -20.10 -17.58 15.22
C GLY A 507 -19.70 -16.42 14.33
N GLU A 508 -19.48 -15.25 14.93
CA GLU A 508 -19.06 -14.06 14.19
C GLU A 508 -18.42 -13.10 15.17
N GLU A 509 -17.22 -12.62 14.85
CA GLU A 509 -16.56 -11.62 15.66
C GLU A 509 -17.10 -10.24 15.29
N VAL A 510 -17.62 -9.51 16.27
CA VAL A 510 -18.23 -8.21 16.05
C VAL A 510 -17.59 -7.20 17.01
N GLU A 511 -17.54 -5.95 16.57
CA GLU A 511 -16.97 -4.89 17.40
C GLU A 511 -18.07 -4.20 18.19
N VAL A 512 -17.85 -4.05 19.49
CA VAL A 512 -18.71 -3.28 20.37
C VAL A 512 -17.93 -2.03 20.77
N HIS A 513 -18.53 -0.87 20.52
CA HIS A 513 -17.86 0.41 20.70
C HIS A 513 -18.41 1.12 21.94
N ASN A 514 -17.50 1.73 22.69
CA ASN A 514 -17.84 2.39 23.94
C ASN A 514 -17.15 3.76 24.00
N LEU A 515 -17.80 4.68 24.71
CA LEU A 515 -17.20 5.95 25.11
C LEU A 515 -16.87 5.85 26.58
N LEU A 516 -15.58 5.94 26.91
CA LEU A 516 -15.10 5.82 28.26
C LEU A 516 -14.74 7.20 28.79
N ILE A 517 -15.31 7.55 29.93
CA ILE A 517 -14.89 8.73 30.68
C ILE A 517 -13.88 8.25 31.72
N ILE A 518 -12.66 8.77 31.63
CA ILE A 518 -11.52 8.32 32.41
C ILE A 518 -10.97 9.50 33.19
N ASP A 519 -10.81 9.33 34.50
CA ASP A 519 -10.27 10.41 35.32
C ASP A 519 -8.84 10.74 34.89
N GLN A 520 -8.50 12.02 34.92
CA GLN A 520 -7.18 12.48 34.48
C GLN A 520 -6.09 12.23 35.51
N HIS A 521 -6.44 11.99 36.77
CA HIS A 521 -5.46 11.81 37.83
C HIS A 521 -5.12 10.34 38.05
N THR A 522 -6.12 9.52 38.40
CA THR A 522 -5.91 8.09 38.61
C THR A 522 -6.05 7.28 37.34
N PHE A 523 -6.62 7.85 36.27
CA PHE A 523 -6.80 7.16 35.00
C PHE A 523 -7.67 5.93 35.15
N GLU A 524 -8.58 5.94 36.13
CA GLU A 524 -9.58 4.91 36.26
C GLU A 524 -10.76 5.23 35.34
N VAL A 525 -11.40 4.19 34.83
CA VAL A 525 -12.53 4.36 33.92
C VAL A 525 -13.75 4.75 34.75
N LEU A 526 -14.02 6.05 34.82
CA LEU A 526 -15.15 6.53 35.60
C LEU A 526 -16.48 6.07 35.02
N HIS A 527 -16.62 6.08 33.71
CA HIS A 527 -17.89 5.71 33.08
C HIS A 527 -17.64 5.06 31.74
N ALA A 528 -18.60 4.26 31.30
CA ALA A 528 -18.54 3.58 30.00
C ALA A 528 -19.94 3.55 29.40
N HIS A 529 -20.11 4.19 28.26
CA HIS A 529 -21.37 4.21 27.53
C HIS A 529 -21.23 3.36 26.27
N GLN A 530 -22.07 2.35 26.14
CA GLN A 530 -22.03 1.42 25.02
C GLN A 530 -23.02 1.86 23.95
N PHE A 531 -22.54 1.95 22.71
CA PHE A 531 -23.36 2.41 21.61
C PHE A 531 -24.21 1.26 21.06
N LEU A 532 -25.11 1.60 20.15
CA LEU A 532 -26.03 0.60 19.62
C LEU A 532 -25.27 -0.55 18.97
N GLN A 533 -25.99 -1.63 18.70
CA GLN A 533 -25.41 -2.77 18.02
C GLN A 533 -25.07 -2.40 16.58
N ASN A 534 -23.92 -2.88 16.11
CA ASN A 534 -23.44 -2.62 14.76
C ASN A 534 -23.10 -1.16 14.53
N GLU A 535 -22.96 -0.37 15.59
CA GLU A 535 -22.66 1.05 15.51
C GLU A 535 -21.20 1.26 15.89
N TYR A 536 -20.42 1.86 15.00
CA TYR A 536 -19.01 2.16 15.24
C TYR A 536 -18.86 3.66 15.49
N ALA A 537 -18.18 4.02 16.57
CA ALA A 537 -17.88 5.40 16.88
C ALA A 537 -16.57 5.79 16.20
N LEU A 538 -16.64 6.74 15.26
CA LEU A 538 -15.50 7.09 14.43
C LEU A 538 -14.81 8.38 14.85
N SER A 539 -15.55 9.35 15.39
CA SER A 539 -14.99 10.63 15.75
C SER A 539 -15.46 11.04 17.14
N LEU A 540 -14.64 11.86 17.79
CA LEU A 540 -14.93 12.33 19.15
C LEU A 540 -14.33 13.71 19.31
N VAL A 541 -15.15 14.68 19.70
CA VAL A 541 -14.68 16.04 19.99
C VAL A 541 -15.30 16.50 21.30
N SER A 542 -14.60 17.41 21.97
CA SER A 542 -15.09 18.02 23.20
C SER A 542 -15.05 19.53 23.03
N CYS A 543 -16.20 20.18 23.20
CA CYS A 543 -16.29 21.61 22.90
C CYS A 543 -17.54 22.19 23.51
N LYS A 544 -17.58 23.52 23.55
CA LYS A 544 -18.77 24.29 23.88
C LYS A 544 -19.32 24.88 22.59
N LEU A 545 -20.62 24.76 22.39
CA LEU A 545 -21.27 25.18 21.15
C LEU A 545 -22.21 26.34 21.39
N GLY A 546 -22.24 27.27 20.44
CA GLY A 546 -23.18 28.37 20.49
C GLY A 546 -23.05 29.18 21.77
N LYS A 547 -24.18 29.60 22.31
CA LYS A 547 -24.24 30.34 23.56
C LYS A 547 -24.36 29.42 24.77
N ASP A 548 -24.41 28.12 24.57
CA ASP A 548 -24.51 27.19 25.68
C ASP A 548 -23.21 27.19 26.48
N PRO A 549 -23.26 27.46 27.79
CA PRO A 549 -22.02 27.47 28.59
C PRO A 549 -21.52 26.10 29.02
N ASN A 550 -22.18 25.02 28.60
CA ASN A 550 -21.77 23.68 28.97
C ASN A 550 -20.76 23.13 27.98
N THR A 551 -19.89 22.26 28.47
CA THR A 551 -18.91 21.56 27.64
C THR A 551 -19.38 20.13 27.43
N TYR A 552 -19.45 19.71 26.17
CA TYR A 552 -20.06 18.46 25.79
C TYR A 552 -19.03 17.49 25.23
N PHE A 553 -19.40 16.22 25.20
CA PHE A 553 -18.69 15.19 24.46
C PHE A 553 -19.54 14.85 23.25
N ILE A 554 -19.04 15.17 22.06
CA ILE A 554 -19.78 14.95 20.82
C ILE A 554 -19.13 13.79 20.09
N VAL A 555 -19.93 12.77 19.75
CA VAL A 555 -19.46 11.55 19.12
C VAL A 555 -20.18 11.39 17.79
N GLY A 556 -19.41 11.14 16.74
CA GLY A 556 -19.96 10.76 15.45
C GLY A 556 -19.81 9.27 15.24
N THR A 557 -20.92 8.63 14.87
CA THR A 557 -20.98 7.18 14.75
C THR A 557 -21.65 6.81 13.43
N ALA A 558 -21.29 5.63 12.93
CA ALA A 558 -21.83 5.10 11.68
C ALA A 558 -22.38 3.71 11.93
N MET A 559 -23.50 3.39 11.29
CA MET A 559 -24.08 2.06 11.34
C MET A 559 -23.37 1.20 10.30
N VAL A 560 -22.49 0.31 10.77
CA VAL A 560 -21.57 -0.42 9.91
C VAL A 560 -22.09 -1.84 9.74
N TYR A 561 -22.29 -2.24 8.48
CA TYR A 561 -22.63 -3.62 8.13
C TYR A 561 -21.63 -4.14 7.12
N PRO A 562 -21.18 -5.39 7.27
CA PRO A 562 -20.11 -5.89 6.38
C PRO A 562 -20.48 -5.87 4.91
N GLU A 563 -21.75 -6.07 4.58
CA GLU A 563 -22.15 -6.22 3.18
C GLU A 563 -22.21 -4.90 2.43
N GLU A 564 -22.17 -3.76 3.11
CA GLU A 564 -22.32 -2.46 2.49
C GLU A 564 -20.96 -1.81 2.30
N ALA A 565 -20.75 -1.24 1.11
CA ALA A 565 -19.47 -0.57 0.83
C ALA A 565 -19.27 0.64 1.74
N GLU A 566 -20.32 1.43 1.94
CA GLU A 566 -20.26 2.59 2.80
C GLU A 566 -21.52 2.66 3.66
N PRO A 567 -21.44 3.18 4.88
CA PRO A 567 -22.64 3.28 5.71
C PRO A 567 -23.66 4.25 5.11
N LYS A 568 -24.94 3.90 5.30
CA LYS A 568 -26.04 4.75 4.88
C LYS A 568 -26.72 5.44 6.06
N GLN A 569 -26.28 5.16 7.29
CA GLN A 569 -26.89 5.73 8.48
C GLN A 569 -25.79 6.11 9.46
N GLY A 570 -26.09 7.09 10.30
CA GLY A 570 -25.15 7.53 11.31
C GLY A 570 -25.80 8.48 12.28
N ARG A 571 -25.07 8.77 13.35
CA ARG A 571 -25.56 9.65 14.40
C ARG A 571 -24.46 10.61 14.85
N ILE A 572 -24.90 11.77 15.33
CA ILE A 572 -24.09 12.66 16.13
C ILE A 572 -24.76 12.76 17.49
N VAL A 573 -24.06 12.32 18.53
CA VAL A 573 -24.62 12.25 19.88
C VAL A 573 -23.84 13.20 20.77
N VAL A 574 -24.55 14.06 21.47
CA VAL A 574 -23.97 15.03 22.39
C VAL A 574 -24.31 14.56 23.79
N PHE A 575 -23.27 14.20 24.55
CA PHE A 575 -23.36 13.84 25.95
C PHE A 575 -22.83 14.97 26.82
N GLN A 576 -23.29 15.00 28.07
CA GLN A 576 -22.72 15.87 29.08
C GLN A 576 -22.33 15.05 30.29
N TYR A 577 -21.06 15.10 30.66
CA TYR A 577 -20.56 14.41 31.85
C TYR A 577 -20.63 15.40 33.01
N SER A 578 -21.69 15.29 33.81
CA SER A 578 -21.95 16.20 34.91
C SER A 578 -22.22 15.41 36.18
N ASP A 579 -21.50 15.74 37.25
CA ASP A 579 -21.72 15.17 38.57
C ASP A 579 -21.60 13.65 38.53
N GLY A 580 -20.63 13.17 37.75
CA GLY A 580 -20.33 11.76 37.68
C GLY A 580 -21.22 10.95 36.76
N LYS A 581 -22.21 11.57 36.12
CA LYS A 581 -23.12 10.88 35.23
C LYS A 581 -22.96 11.42 33.80
N LEU A 582 -23.10 10.53 32.83
CA LEU A 582 -22.96 10.86 31.41
C LEU A 582 -24.32 10.70 30.75
N GLN A 583 -25.06 11.80 30.65
CA GLN A 583 -26.38 11.78 30.04
C GLN A 583 -26.31 12.24 28.58
N THR A 584 -27.25 11.75 27.78
CA THR A 584 -27.32 12.07 26.36
C THR A 584 -28.10 13.37 26.19
N VAL A 585 -27.38 14.46 25.93
CA VAL A 585 -28.03 15.76 25.78
C VAL A 585 -28.82 15.82 24.48
N ALA A 586 -28.23 15.34 23.38
CA ALA A 586 -28.85 15.48 22.08
C ALA A 586 -28.43 14.35 21.16
N GLU A 587 -29.25 14.13 20.12
CA GLU A 587 -29.00 13.05 19.15
C GLU A 587 -29.52 13.51 17.80
N LYS A 588 -28.65 13.48 16.80
CA LYS A 588 -28.98 13.88 15.43
C LYS A 588 -28.71 12.70 14.50
N GLU A 589 -29.65 12.44 13.59
CA GLU A 589 -29.52 11.37 12.62
C GLU A 589 -29.01 11.92 11.30
N VAL A 590 -28.03 11.24 10.71
CA VAL A 590 -27.44 11.66 9.45
C VAL A 590 -27.42 10.46 8.51
N LYS A 591 -27.41 10.75 7.21
CA LYS A 591 -27.42 9.73 6.16
C LYS A 591 -26.00 9.44 5.68
N GLY A 592 -25.20 8.90 6.59
CA GLY A 592 -23.84 8.55 6.26
C GLY A 592 -23.01 8.31 7.50
N ALA A 593 -21.71 8.16 7.31
CA ALA A 593 -20.76 7.92 8.40
C ALA A 593 -20.11 9.24 8.78
N VAL A 594 -20.13 9.55 10.07
CA VAL A 594 -19.53 10.80 10.57
C VAL A 594 -18.05 10.49 10.80
N TYR A 595 -17.25 10.71 9.76
CA TYR A 595 -15.85 10.33 9.82
C TYR A 595 -15.05 11.27 10.70
N SER A 596 -15.35 12.57 10.66
CA SER A 596 -14.59 13.55 11.42
C SER A 596 -15.50 14.66 11.91
N MET A 597 -15.10 15.29 13.00
CA MET A 597 -15.83 16.42 13.57
C MET A 597 -14.85 17.37 14.24
N VAL A 598 -15.12 18.67 14.12
CA VAL A 598 -14.37 19.70 14.80
C VAL A 598 -15.33 20.79 15.26
N GLU A 599 -14.86 21.63 16.17
CA GLU A 599 -15.60 22.81 16.59
C GLU A 599 -15.16 24.00 15.77
N PHE A 600 -16.12 24.67 15.14
CA PHE A 600 -15.85 25.74 14.19
C PHE A 600 -16.54 27.01 14.66
N ASN A 601 -15.86 27.78 15.51
CA ASN A 601 -16.33 29.08 15.96
C ASN A 601 -17.72 28.96 16.58
N GLY A 602 -17.85 28.05 17.54
CA GLY A 602 -19.12 27.81 18.20
C GLY A 602 -20.07 26.93 17.42
N LYS A 603 -19.67 26.39 16.28
CA LYS A 603 -20.49 25.51 15.47
C LYS A 603 -19.80 24.17 15.34
N LEU A 604 -20.53 23.19 14.82
CA LEU A 604 -20.01 21.83 14.66
C LEU A 604 -19.79 21.55 13.18
N LEU A 605 -18.55 21.26 12.81
CA LEU A 605 -18.18 20.96 11.43
C LEU A 605 -17.94 19.45 11.35
N ALA A 606 -18.82 18.75 10.64
CA ALA A 606 -18.80 17.30 10.56
C ALA A 606 -18.57 16.84 9.12
N SER A 607 -18.15 15.59 8.99
CA SER A 607 -17.93 14.95 7.69
C SER A 607 -18.83 13.73 7.60
N ILE A 608 -19.93 13.84 6.85
CA ILE A 608 -20.87 12.74 6.67
C ILE A 608 -20.61 12.17 5.28
N ASN A 609 -19.93 11.02 5.24
CA ASN A 609 -19.56 10.38 3.98
C ASN A 609 -18.77 11.36 3.11
N SER A 610 -19.36 11.85 2.03
CA SER A 610 -18.68 12.76 1.11
C SER A 610 -19.04 14.21 1.34
N THR A 611 -19.91 14.52 2.29
CA THR A 611 -20.36 15.87 2.55
C THR A 611 -19.63 16.45 3.76
N VAL A 612 -19.25 17.71 3.66
CA VAL A 612 -18.72 18.47 4.79
C VAL A 612 -19.83 19.42 5.22
N ARG A 613 -20.38 19.21 6.41
CA ARG A 613 -21.54 19.92 6.90
C ARG A 613 -21.18 20.80 8.07
N LEU A 614 -21.90 21.90 8.21
CA LEU A 614 -21.75 22.80 9.35
C LEU A 614 -23.12 22.95 10.00
N TYR A 615 -23.21 22.55 11.26
CA TYR A 615 -24.37 22.68 12.14
C TYR A 615 -24.14 23.79 13.15
N GLU A 616 -25.25 24.35 13.61
CA GLU A 616 -25.26 25.32 14.70
C GLU A 616 -26.04 24.75 15.87
N TRP A 617 -25.60 25.11 17.08
CA TRP A 617 -26.23 24.65 18.32
C TRP A 617 -27.33 25.64 18.69
N THR A 618 -28.58 25.20 18.60
CA THR A 618 -29.72 26.08 18.85
C THR A 618 -29.92 26.29 20.35
N THR A 619 -30.77 27.26 20.68
CA THR A 619 -31.07 27.52 22.08
C THR A 619 -31.80 26.36 22.72
N GLU A 620 -32.59 25.62 21.95
CA GLU A 620 -33.31 24.47 22.45
C GLU A 620 -32.45 23.20 22.49
N LYS A 621 -31.13 23.34 22.38
CA LYS A 621 -30.20 22.22 22.47
C LYS A 621 -30.51 21.18 21.40
N GLU A 622 -30.34 21.60 20.14
CA GLU A 622 -30.53 20.71 19.00
C GLU A 622 -29.70 21.21 17.84
N LEU A 623 -28.86 20.33 17.28
CA LEU A 623 -28.06 20.70 16.13
C LEU A 623 -28.96 21.02 14.94
N ARG A 624 -28.65 22.12 14.26
CA ARG A 624 -29.40 22.55 13.09
C ARG A 624 -28.42 22.77 11.94
N THR A 625 -28.73 22.18 10.78
CA THR A 625 -27.83 22.30 9.65
C THR A 625 -27.73 23.76 9.20
N GLU A 626 -26.50 24.22 9.01
CA GLU A 626 -26.23 25.56 8.50
C GLU A 626 -25.79 25.52 7.04
N CYS A 627 -24.83 24.68 6.68
CA CYS A 627 -24.41 24.64 5.28
C CYS A 627 -23.75 23.30 4.96
N ASN A 628 -23.58 23.05 3.66
CA ASN A 628 -23.06 21.80 3.16
C ASN A 628 -22.07 22.05 2.02
N HIS A 629 -21.14 21.10 1.86
CA HIS A 629 -20.22 21.07 0.72
C HIS A 629 -20.12 19.62 0.25
N TYR A 630 -20.43 19.39 -1.03
CA TYR A 630 -20.59 18.03 -1.54
C TYR A 630 -19.45 17.56 -2.43
N ASN A 631 -18.53 18.43 -2.83
CA ASN A 631 -17.53 18.09 -3.85
C ASN A 631 -16.40 17.28 -3.23
N ASN A 632 -16.74 16.07 -2.80
CA ASN A 632 -15.75 15.14 -2.27
C ASN A 632 -16.16 13.72 -2.62
N ILE A 633 -15.19 12.81 -2.55
CA ILE A 633 -15.51 11.39 -2.56
C ILE A 633 -15.80 10.91 -1.14
N MET A 634 -14.94 11.27 -0.20
CA MET A 634 -15.14 10.92 1.20
C MET A 634 -14.25 11.84 2.03
N ALA A 635 -14.87 12.70 2.83
CA ALA A 635 -14.14 13.68 3.65
C ALA A 635 -13.70 12.99 4.94
N LEU A 636 -12.51 12.41 4.91
CA LEU A 636 -12.05 11.62 6.04
C LEU A 636 -11.55 12.50 7.19
N TYR A 637 -10.89 13.60 6.88
CA TYR A 637 -10.18 14.39 7.88
C TYR A 637 -10.55 15.86 7.74
N LEU A 638 -10.71 16.53 8.89
CA LEU A 638 -11.07 17.93 8.94
C LEU A 638 -10.12 18.66 9.89
N LYS A 639 -9.68 19.85 9.47
CA LYS A 639 -8.91 20.75 10.31
C LYS A 639 -9.49 22.15 10.16
N THR A 640 -9.01 23.07 10.98
CA THR A 640 -9.56 24.42 10.99
C THR A 640 -8.52 25.40 11.51
N LYS A 641 -8.54 26.61 10.94
CA LYS A 641 -7.75 27.74 11.44
C LYS A 641 -8.55 29.00 11.08
N GLY A 642 -9.36 29.47 12.03
CA GLY A 642 -10.20 30.62 11.80
C GLY A 642 -11.41 30.28 10.94
N ASP A 643 -11.51 30.89 9.77
CA ASP A 643 -12.58 30.61 8.82
C ASP A 643 -12.17 29.57 7.78
N PHE A 644 -10.96 29.03 7.87
CA PHE A 644 -10.43 28.11 6.87
C PHE A 644 -10.59 26.67 7.34
N ILE A 645 -10.87 25.78 6.38
CA ILE A 645 -11.06 24.37 6.65
C ILE A 645 -10.18 23.59 5.69
N LEU A 646 -9.37 22.67 6.23
CA LEU A 646 -8.59 21.75 5.41
C LEU A 646 -9.30 20.40 5.42
N VAL A 647 -9.72 19.94 4.25
CA VAL A 647 -10.46 18.71 4.09
C VAL A 647 -9.55 17.67 3.45
N GLY A 648 -9.34 16.56 4.14
CA GLY A 648 -8.57 15.44 3.59
C GLY A 648 -9.51 14.43 2.98
N ASP A 649 -9.19 13.99 1.77
CA ASP A 649 -10.01 13.05 1.03
C ASP A 649 -9.35 11.68 1.01
N LEU A 650 -10.17 10.66 0.75
CA LEU A 650 -9.64 9.29 0.71
C LEU A 650 -8.59 9.14 -0.38
N MET A 651 -8.85 9.69 -1.57
CA MET A 651 -7.96 9.52 -2.70
C MET A 651 -7.78 10.76 -3.56
N ARG A 652 -8.26 11.93 -3.12
CA ARG A 652 -8.12 13.18 -3.88
C ARG A 652 -7.35 14.25 -3.12
N SER A 653 -6.48 13.86 -2.19
CA SER A 653 -5.57 14.81 -1.55
C SER A 653 -6.34 15.82 -0.69
N VAL A 654 -5.85 17.05 -0.60
CA VAL A 654 -6.37 18.05 0.32
C VAL A 654 -7.19 19.08 -0.45
N LEU A 655 -8.12 19.70 0.27
CA LEU A 655 -8.93 20.79 -0.26
C LEU A 655 -9.00 21.88 0.79
N LEU A 656 -9.03 23.13 0.37
CA LEU A 656 -9.10 24.26 1.28
C LEU A 656 -10.41 25.01 1.03
N LEU A 657 -11.31 24.95 2.00
CA LEU A 657 -12.56 25.70 1.99
C LEU A 657 -12.45 26.88 2.94
N ALA A 658 -13.31 27.87 2.72
CA ALA A 658 -13.45 29.00 3.63
C ALA A 658 -14.92 29.23 3.92
N TYR A 659 -15.23 29.45 5.19
CA TYR A 659 -16.59 29.80 5.58
C TYR A 659 -16.84 31.29 5.33
N LYS A 660 -18.04 31.60 4.86
CA LYS A 660 -18.42 32.98 4.54
C LYS A 660 -19.46 33.44 5.56
N PRO A 661 -19.05 34.12 6.63
CA PRO A 661 -20.05 34.56 7.63
C PRO A 661 -21.13 35.45 7.04
N MET A 662 -20.78 36.31 6.09
CA MET A 662 -21.75 37.23 5.49
C MET A 662 -22.62 36.55 4.44
N GLU A 663 -22.27 35.35 4.00
CA GLU A 663 -23.07 34.61 3.04
C GLU A 663 -23.65 33.31 3.60
N GLY A 664 -23.11 32.82 4.71
CA GLY A 664 -23.61 31.60 5.33
C GLY A 664 -23.45 30.38 4.44
N ASN A 665 -22.31 30.26 3.78
CA ASN A 665 -22.05 29.12 2.90
C ASN A 665 -20.54 28.94 2.78
N PHE A 666 -20.15 27.78 2.27
CA PHE A 666 -18.76 27.47 2.02
C PHE A 666 -18.34 27.94 0.63
N GLU A 667 -17.04 27.91 0.38
CA GLU A 667 -16.50 28.14 -0.96
C GLU A 667 -15.16 27.44 -1.05
N GLU A 668 -14.93 26.78 -2.18
CA GLU A 668 -13.66 26.08 -2.40
C GLU A 668 -12.56 27.08 -2.71
N ILE A 669 -11.80 27.48 -1.69
CA ILE A 669 -10.71 28.42 -1.90
C ILE A 669 -9.64 27.80 -2.80
N ALA A 670 -9.28 26.55 -2.54
CA ALA A 670 -8.22 25.93 -3.31
C ALA A 670 -8.37 24.42 -3.26
N ARG A 671 -7.67 23.74 -4.17
CA ARG A 671 -7.68 22.29 -4.22
C ARG A 671 -6.34 21.80 -4.73
N ASP A 672 -5.89 20.68 -4.18
CA ASP A 672 -4.67 20.02 -4.64
C ASP A 672 -5.06 18.95 -5.65
N PHE A 673 -4.56 19.07 -6.87
CA PHE A 673 -5.01 18.25 -7.99
C PHE A 673 -4.13 17.05 -8.23
N ASN A 674 -3.22 16.73 -7.31
CA ASN A 674 -2.47 15.49 -7.38
C ASN A 674 -3.20 14.45 -6.54
N PRO A 675 -3.74 13.38 -7.13
CA PRO A 675 -4.53 12.42 -6.37
C PRO A 675 -3.64 11.43 -5.64
N ASN A 676 -3.66 11.49 -4.31
CA ASN A 676 -2.91 10.57 -3.47
C ASN A 676 -3.71 10.27 -2.22
N TRP A 677 -3.50 9.07 -1.68
CA TRP A 677 -4.33 8.54 -0.60
C TRP A 677 -3.86 9.12 0.72
N MET A 678 -4.75 9.80 1.44
CA MET A 678 -4.41 10.54 2.64
C MET A 678 -4.67 9.73 3.89
N SER A 679 -3.79 9.89 4.88
CA SER A 679 -3.97 9.30 6.20
C SER A 679 -4.09 10.34 7.30
N ALA A 680 -3.59 11.56 7.09
CA ALA A 680 -3.69 12.62 8.08
C ALA A 680 -3.37 13.94 7.41
N VAL A 681 -4.03 15.00 7.87
CA VAL A 681 -3.81 16.35 7.37
C VAL A 681 -3.61 17.29 8.56
N GLU A 682 -2.89 18.39 8.31
CA GLU A 682 -2.66 19.40 9.34
C GLU A 682 -2.47 20.75 8.68
N ILE A 683 -2.87 21.80 9.38
CA ILE A 683 -2.70 23.18 8.92
C ILE A 683 -1.48 23.73 9.65
N LEU A 684 -0.35 23.79 8.95
CA LEU A 684 0.86 24.34 9.55
C LEU A 684 0.66 25.80 9.92
N ASP A 685 0.07 26.57 9.01
CA ASP A 685 -0.25 27.97 9.26
C ASP A 685 -1.30 28.38 8.22
N ASP A 686 -1.56 29.69 8.14
CA ASP A 686 -2.57 30.18 7.20
C ASP A 686 -2.22 29.83 5.77
N ASP A 687 -0.93 29.75 5.43
CA ASP A 687 -0.48 29.50 4.07
C ASP A 687 -0.18 28.03 3.81
N ASN A 688 0.59 27.39 4.68
CA ASN A 688 1.08 26.04 4.45
C ASN A 688 0.13 25.01 5.04
N PHE A 689 -0.02 23.90 4.32
CA PHE A 689 -0.86 22.78 4.76
C PHE A 689 -0.07 21.49 4.62
N LEU A 690 0.15 20.81 5.74
CA LEU A 690 0.90 19.56 5.74
C LEU A 690 -0.05 18.38 5.64
N GLY A 691 0.40 17.34 4.94
CA GLY A 691 -0.40 16.14 4.80
C GLY A 691 0.48 14.92 4.70
N ALA A 692 -0.07 13.77 5.06
CA ALA A 692 0.62 12.49 4.99
C ALA A 692 -0.20 11.53 4.14
N GLU A 693 0.47 10.81 3.26
CA GLU A 693 -0.21 9.86 2.38
C GLU A 693 0.27 8.44 2.67
N ASN A 694 -0.55 7.47 2.26
CA ASN A 694 -0.44 6.11 2.76
C ASN A 694 0.84 5.41 2.35
N ALA A 695 1.60 5.94 1.40
CA ALA A 695 2.87 5.35 0.99
C ALA A 695 4.03 5.90 1.79
N PHE A 696 3.79 6.36 3.02
CA PHE A 696 4.83 6.77 3.96
C PHE A 696 5.52 8.06 3.51
N ASN A 697 4.75 8.99 2.95
CA ASN A 697 5.29 10.27 2.50
C ASN A 697 4.53 11.42 3.15
N LEU A 698 5.25 12.52 3.33
CA LEU A 698 4.69 13.79 3.76
C LEU A 698 4.80 14.79 2.61
N PHE A 699 3.78 15.61 2.44
CA PHE A 699 3.85 16.69 1.47
C PHE A 699 3.23 17.95 2.05
N VAL A 700 3.85 19.08 1.76
CA VAL A 700 3.38 20.40 2.18
C VAL A 700 2.90 21.12 0.93
N CYS A 701 1.63 21.53 0.96
CA CYS A 701 1.02 22.36 -0.08
C CYS A 701 0.93 23.80 0.38
N GLN A 702 0.86 24.70 -0.59
CA GLN A 702 0.75 26.13 -0.33
C GLN A 702 -0.40 26.71 -1.13
N LYS A 703 -1.08 27.69 -0.53
CA LYS A 703 -2.18 28.39 -1.19
C LYS A 703 -1.57 29.42 -2.14
N ASP A 704 -1.19 28.96 -3.33
CA ASP A 704 -0.54 29.83 -4.31
C ASP A 704 -1.37 31.07 -4.60
N THR A 708 -3.87 38.04 -9.89
CA THR A 708 -3.53 37.27 -11.08
C THR A 708 -4.73 36.46 -11.55
N THR A 709 -4.49 35.52 -12.46
CA THR A 709 -5.57 34.70 -13.00
C THR A 709 -6.22 33.88 -11.89
N ASP A 710 -7.54 33.80 -11.92
CA ASP A 710 -8.26 33.08 -10.86
C ASP A 710 -7.95 31.59 -10.91
N GLU A 711 -7.64 31.07 -12.10
CA GLU A 711 -7.42 29.63 -12.23
C GLU A 711 -6.22 29.16 -11.41
N GLU A 712 -5.11 29.91 -11.47
CA GLU A 712 -3.91 29.48 -10.75
C GLU A 712 -4.04 29.74 -9.25
N ARG A 713 -4.82 30.75 -8.86
CA ARG A 713 -5.04 31.01 -7.44
C ARG A 713 -5.78 29.88 -6.75
N GLN A 714 -6.48 29.03 -7.52
CA GLN A 714 -7.25 27.93 -6.97
C GLN A 714 -6.53 26.61 -7.07
N HIS A 715 -5.20 26.62 -7.08
CA HIS A 715 -4.38 25.42 -7.07
C HIS A 715 -3.49 25.43 -5.84
N LEU A 716 -3.40 24.27 -5.18
CA LEU A 716 -2.50 24.09 -4.04
C LEU A 716 -1.24 23.41 -4.56
N GLN A 717 -0.17 24.17 -4.68
CA GLN A 717 1.09 23.62 -5.19
C GLN A 717 1.78 22.82 -4.10
N GLU A 718 2.19 21.59 -4.44
CA GLU A 718 2.95 20.76 -3.50
C GLU A 718 4.37 21.31 -3.43
N VAL A 719 4.58 22.25 -2.51
CA VAL A 719 5.87 22.92 -2.39
C VAL A 719 6.87 22.14 -1.56
N GLY A 720 6.47 21.07 -0.91
CA GLY A 720 7.42 20.25 -0.18
C GLY A 720 7.08 18.77 -0.25
N LEU A 721 8.09 17.93 -0.44
CA LEU A 721 7.90 16.48 -0.52
C LEU A 721 8.96 15.78 0.32
N PHE A 722 8.56 14.69 0.97
CA PHE A 722 9.45 13.96 1.87
C PHE A 722 8.98 12.52 1.98
N HIS A 723 9.93 11.61 2.10
CA HIS A 723 9.63 10.21 2.41
C HIS A 723 9.98 9.98 3.87
N LEU A 724 8.94 9.85 4.71
CA LEU A 724 9.16 9.64 6.13
C LEU A 724 9.56 8.20 6.43
N GLY A 725 8.99 7.24 5.71
CA GLY A 725 9.15 5.84 6.04
C GLY A 725 8.21 5.34 7.10
N GLU A 726 7.25 6.17 7.52
CA GLU A 726 6.29 5.82 8.57
C GLU A 726 4.89 6.11 8.06
N PHE A 727 3.93 5.35 8.57
CA PHE A 727 2.52 5.62 8.28
C PHE A 727 1.98 6.52 9.38
N VAL A 728 1.83 7.80 9.07
CA VAL A 728 1.37 8.77 10.05
C VAL A 728 -0.13 8.60 10.25
N ASN A 729 -0.53 8.26 11.48
CA ASN A 729 -1.93 8.16 11.84
C ASN A 729 -2.52 9.48 12.29
N VAL A 730 -1.82 10.24 13.12
CA VAL A 730 -2.41 11.37 13.82
C VAL A 730 -1.48 12.57 13.76
N PHE A 731 -2.07 13.75 13.60
CA PHE A 731 -1.38 15.04 13.70
C PHE A 731 -1.96 15.83 14.87
N CYS A 732 -1.12 16.62 15.53
CA CYS A 732 -1.59 17.47 16.60
C CYS A 732 -0.61 18.62 16.79
N HIS A 733 -1.11 19.70 17.41
CA HIS A 733 -0.31 20.88 17.68
C HIS A 733 0.11 20.88 19.14
N GLY A 734 1.41 20.97 19.39
CA GLY A 734 1.92 21.00 20.74
C GLY A 734 3.39 20.65 20.78
N SER A 735 3.96 20.78 21.97
CA SER A 735 5.36 20.46 22.21
C SER A 735 5.50 19.86 23.59
N LEU A 736 6.55 19.05 23.76
CA LEU A 736 6.85 18.38 25.02
C LEU A 736 8.04 19.02 25.72
N VAL A 737 8.30 20.28 25.43
CA VAL A 737 9.44 20.99 26.02
C VAL A 737 9.04 22.45 26.25
N MET A 738 9.38 22.96 27.42
CA MET A 738 9.18 24.37 27.76
C MET A 738 9.67 24.63 29.17
N PRO A 747 14.83 30.24 15.17
CA PRO A 747 15.17 29.26 14.12
C PRO A 747 13.95 28.50 13.62
N THR A 748 13.26 27.82 14.53
CA THR A 748 12.08 27.02 14.20
C THR A 748 10.83 27.72 14.68
N GLN A 749 9.82 27.80 13.82
CA GLN A 749 8.53 28.40 14.14
C GLN A 749 7.46 27.34 14.05
N GLY A 750 6.64 27.24 15.10
CA GLY A 750 5.59 26.24 15.14
C GLY A 750 6.09 24.91 15.68
N SER A 751 5.13 24.01 15.92
CA SER A 751 5.44 22.70 16.48
C SER A 751 4.25 21.78 16.22
N VAL A 752 4.47 20.73 15.43
CA VAL A 752 3.43 19.76 15.12
C VAL A 752 3.96 18.37 15.43
N LEU A 753 3.29 17.66 16.34
CA LEU A 753 3.64 16.30 16.69
C LEU A 753 2.76 15.34 15.91
N PHE A 754 3.38 14.32 15.32
CA PHE A 754 2.65 13.30 14.59
C PHE A 754 2.97 11.91 15.13
N GLY A 755 1.95 11.07 15.17
CA GLY A 755 2.07 9.71 15.65
C GLY A 755 1.74 8.72 14.55
N THR A 756 2.58 7.69 14.45
CA THR A 756 2.57 6.74 13.34
C THR A 756 2.19 5.35 13.83
N VAL A 757 2.22 4.39 12.90
CA VAL A 757 1.80 3.03 13.20
C VAL A 757 2.86 2.25 13.95
N ASN A 758 4.14 2.64 13.81
CA ASN A 758 5.24 1.93 14.44
C ASN A 758 5.56 2.46 15.83
N GLY A 759 4.65 3.21 16.43
CA GLY A 759 4.94 3.81 17.74
C GLY A 759 6.01 4.86 17.68
N MET A 760 6.18 5.52 16.55
CA MET A 760 7.14 6.60 16.39
C MET A 760 6.43 7.93 16.55
N ILE A 761 7.00 8.81 17.35
CA ILE A 761 6.50 10.16 17.55
C ILE A 761 7.49 11.11 16.91
N GLY A 762 7.00 11.96 15.99
CA GLY A 762 7.85 12.87 15.27
C GLY A 762 7.36 14.30 15.40
N LEU A 763 8.27 15.23 15.06
CA LEU A 763 8.04 16.65 15.22
C LEU A 763 8.36 17.36 13.91
N VAL A 764 7.44 18.20 13.45
CA VAL A 764 7.60 19.01 12.27
C VAL A 764 7.49 20.48 12.68
N THR A 765 8.48 21.27 12.26
CA THR A 765 8.51 22.70 12.51
C THR A 765 8.78 23.42 11.20
N SER A 766 8.65 24.75 11.22
CA SER A 766 8.90 25.58 10.06
C SER A 766 10.24 26.28 10.21
N LEU A 767 10.89 26.54 9.07
CA LEU A 767 12.17 27.21 9.02
C LEU A 767 12.09 28.44 8.13
N SER A 768 13.01 29.38 8.37
CA SER A 768 13.18 30.52 7.49
C SER A 768 14.04 30.12 6.29
N GLU A 769 14.03 30.97 5.25
CA GLU A 769 14.75 30.64 4.03
C GLU A 769 16.25 30.49 4.30
N SER A 770 16.82 31.40 5.08
CA SER A 770 18.25 31.32 5.37
C SER A 770 18.58 30.07 6.17
N TRP A 771 17.79 29.76 7.19
CA TRP A 771 18.02 28.56 7.99
C TRP A 771 17.87 27.30 7.14
N TYR A 772 16.84 27.27 6.28
CA TYR A 772 16.66 26.11 5.42
C TYR A 772 17.83 25.94 4.46
N ASN A 773 18.33 27.04 3.90
CA ASN A 773 19.47 26.96 3.00
C ASN A 773 20.70 26.42 3.72
N LEU A 774 20.96 26.95 4.93
CA LEU A 774 22.11 26.48 5.70
C LEU A 774 21.97 25.00 6.01
N LEU A 775 20.78 24.56 6.44
CA LEU A 775 20.61 23.16 6.80
C LEU A 775 20.66 22.24 5.60
N LEU A 776 20.18 22.69 4.44
CA LEU A 776 20.29 21.89 3.23
C LEU A 776 21.75 21.73 2.82
N ASP A 777 22.54 22.81 2.92
CA ASP A 777 23.96 22.70 2.67
C ASP A 777 24.61 21.73 3.66
N MET A 778 24.20 21.79 4.93
CA MET A 778 24.73 20.86 5.92
C MET A 778 24.37 19.42 5.58
N GLN A 779 23.14 19.18 5.11
CA GLN A 779 22.75 17.83 4.72
C GLN A 779 23.62 17.34 3.58
N ASN A 780 23.79 18.17 2.55
CA ASN A 780 24.62 17.76 1.41
C ASN A 780 26.05 17.47 1.85
N ARG A 781 26.61 18.28 2.76
CA ARG A 781 27.96 18.04 3.24
C ARG A 781 28.05 16.80 4.12
N LEU A 782 26.98 16.49 4.86
CA LEU A 782 27.00 15.33 5.74
C LEU A 782 26.89 14.03 4.95
N ASN A 783 26.03 14.01 3.93
CA ASN A 783 25.87 12.79 3.15
C ASN A 783 27.19 12.31 2.57
N LYS A 784 28.11 13.24 2.30
CA LYS A 784 29.43 12.87 1.80
C LYS A 784 30.38 12.41 2.89
N VAL A 785 29.97 12.49 4.15
CA VAL A 785 30.82 12.13 5.28
C VAL A 785 30.25 10.96 6.07
N ILE A 786 28.96 11.00 6.38
CA ILE A 786 28.33 9.90 7.11
C ILE A 786 28.29 8.67 6.21
N LYS A 787 28.83 7.56 6.72
CA LYS A 787 28.93 6.31 5.95
C LYS A 787 27.65 5.53 6.18
N SER A 788 26.80 5.47 5.16
CA SER A 788 25.52 4.78 5.28
C SER A 788 25.74 3.27 5.39
N VAL A 789 24.91 2.64 6.20
CA VAL A 789 24.93 1.18 6.32
C VAL A 789 24.12 0.59 5.18
N GLY A 790 24.74 -0.31 4.42
CA GLY A 790 24.16 -0.81 3.19
C GLY A 790 24.45 0.02 1.97
N LYS A 791 25.15 1.15 2.13
CA LYS A 791 25.53 2.02 1.03
C LYS A 791 24.30 2.56 0.28
N ILE A 792 23.24 2.88 1.02
CA ILE A 792 22.07 3.50 0.43
C ILE A 792 22.26 5.02 0.44
N GLU A 793 21.85 5.67 -0.64
CA GLU A 793 21.94 7.12 -0.71
C GLU A 793 20.81 7.75 0.11
N HIS A 794 21.17 8.74 0.94
CA HIS A 794 20.15 9.46 1.68
C HIS A 794 19.15 10.12 0.75
N SER A 795 19.63 10.62 -0.40
CA SER A 795 18.74 11.24 -1.36
C SER A 795 17.71 10.24 -1.89
N PHE A 796 18.17 9.02 -2.20
CA PHE A 796 17.24 7.98 -2.65
C PHE A 796 16.26 7.60 -1.56
N TRP A 797 16.74 7.50 -0.31
CA TRP A 797 15.88 7.11 0.79
C TRP A 797 14.80 8.15 1.07
N ARG A 798 15.15 9.43 1.05
CA ARG A 798 14.20 10.48 1.37
C ARG A 798 13.39 10.95 0.17
N SER A 799 13.67 10.42 -1.02
CA SER A 799 12.90 10.83 -2.20
C SER A 799 11.45 10.41 -2.06
N PHE A 800 10.55 11.35 -2.38
CA PHE A 800 9.12 11.04 -2.43
C PHE A 800 8.88 9.86 -3.36
N HIS A 801 8.39 8.76 -2.80
CA HIS A 801 8.19 7.53 -3.55
C HIS A 801 6.72 7.14 -3.52
N THR A 802 6.17 6.85 -4.70
CA THR A 802 4.82 6.33 -4.84
C THR A 802 4.82 5.38 -6.03
N GLU A 803 3.83 4.49 -6.06
CA GLU A 803 3.69 3.59 -7.20
C GLU A 803 3.53 4.36 -8.51
N ARG A 804 2.99 5.58 -8.45
CA ARG A 804 2.83 6.39 -9.65
C ARG A 804 4.12 7.12 -10.00
N LYS A 805 4.59 7.97 -9.10
CA LYS A 805 5.72 8.84 -9.38
C LYS A 805 6.74 8.79 -8.25
N THR A 806 7.99 9.05 -8.60
CA THR A 806 9.08 9.17 -7.65
C THR A 806 9.82 10.47 -7.90
N GLU A 807 10.07 11.25 -6.83
CA GLU A 807 10.70 12.55 -6.97
C GLU A 807 11.62 12.79 -5.79
N PRO A 808 12.68 13.58 -5.95
CA PRO A 808 13.54 13.90 -4.80
C PRO A 808 12.81 14.75 -3.76
N ALA A 809 13.34 14.71 -2.54
CA ALA A 809 12.75 15.47 -1.45
C ALA A 809 13.04 16.96 -1.63
N THR A 810 12.01 17.78 -1.42
CA THR A 810 12.13 19.23 -1.48
C THR A 810 11.37 19.84 -0.32
N GLY A 811 11.89 20.96 0.18
CA GLY A 811 11.23 21.69 1.24
C GLY A 811 11.12 20.93 2.53
N PHE A 812 12.11 20.09 2.83
CA PHE A 812 12.14 19.32 4.07
C PHE A 812 13.57 19.07 4.46
N ILE A 813 13.89 19.28 5.74
CA ILE A 813 15.22 19.01 6.28
C ILE A 813 15.11 17.81 7.21
N ASP A 814 15.93 16.80 6.94
CA ASP A 814 15.99 15.62 7.79
C ASP A 814 16.74 15.99 9.06
N GLY A 815 15.99 16.25 10.13
CA GLY A 815 16.62 16.68 11.37
C GLY A 815 17.41 15.57 12.05
N ASP A 816 17.09 14.31 11.75
CA ASP A 816 17.90 13.22 12.27
C ASP A 816 19.32 13.27 11.70
N LEU A 817 19.44 13.51 10.40
CA LEU A 817 20.76 13.63 9.78
C LEU A 817 21.51 14.82 10.36
N ILE A 818 20.82 15.95 10.57
CA ILE A 818 21.47 17.12 11.15
C ILE A 818 21.95 16.83 12.57
N GLU A 819 21.10 16.20 13.38
CA GLU A 819 21.46 15.95 14.77
C GLU A 819 22.56 14.90 14.88
N SER A 820 22.69 14.02 13.88
CA SER A 820 23.83 13.12 13.84
C SER A 820 25.15 13.86 13.69
N PHE A 821 25.13 15.13 13.30
CA PHE A 821 26.35 15.90 13.14
C PHE A 821 27.08 16.06 14.46
N LEU A 822 26.35 16.06 15.58
CA LEU A 822 26.99 16.23 16.88
C LEU A 822 27.78 14.98 17.28
N ASP A 823 27.39 13.81 16.80
CA ASP A 823 27.99 12.56 17.24
C ASP A 823 29.24 12.17 16.47
N ILE A 824 29.58 12.88 15.39
CA ILE A 824 30.74 12.52 14.60
C ILE A 824 32.00 13.10 15.23
N SER A 825 33.14 12.58 14.79
CA SER A 825 34.42 12.98 15.38
C SER A 825 34.78 14.41 14.98
N ARG A 826 35.66 15.02 15.78
CA ARG A 826 36.06 16.39 15.51
C ARG A 826 36.67 16.57 14.13
N PRO A 827 37.59 15.73 13.66
CA PRO A 827 38.03 15.86 12.26
C PRO A 827 36.87 15.81 11.28
N LYS A 828 35.90 14.93 11.51
CA LYS A 828 34.74 14.85 10.63
C LYS A 828 33.92 16.13 10.71
N MET A 829 33.75 16.68 11.92
CA MET A 829 33.04 17.94 12.05
C MET A 829 33.73 19.05 11.28
N GLN A 830 35.06 19.12 11.39
CA GLN A 830 35.80 20.20 10.74
C GLN A 830 35.77 20.07 9.22
N GLU A 831 35.90 18.86 8.70
CA GLU A 831 35.89 18.72 7.24
C GLU A 831 34.47 18.77 6.68
N VAL A 832 33.46 18.56 7.52
CA VAL A 832 32.09 18.80 7.09
C VAL A 832 31.87 20.30 6.86
N VAL A 833 32.27 21.11 7.82
CA VAL A 833 32.15 22.57 7.73
C VAL A 833 33.47 23.08 7.19
N ALA A 834 33.56 23.15 5.86
CA ALA A 834 34.76 23.63 5.19
C ALA A 834 34.35 24.48 4.01
N ASN A 835 34.82 25.73 3.99
CA ASN A 835 34.46 26.69 2.95
C ASN A 835 32.96 26.94 2.92
N LEU A 836 32.30 26.79 4.06
CA LEU A 836 30.87 27.00 4.15
C LEU A 836 30.58 28.49 4.33
N GLN A 837 29.67 29.02 3.51
CA GLN A 837 29.31 30.44 3.53
C GLN A 837 30.50 31.34 3.83
N LYS A 845 29.55 36.59 3.91
CA LYS A 845 29.36 36.19 5.30
C LYS A 845 30.67 35.68 5.90
N ARG A 846 30.69 35.48 7.21
CA ARG A 846 31.87 34.98 7.89
C ARG A 846 31.99 33.47 7.67
N GLU A 847 33.21 33.00 7.42
CA GLU A 847 33.44 31.59 7.18
C GLU A 847 33.08 30.77 8.42
N ALA A 848 32.01 30.00 8.33
CA ALA A 848 31.52 29.25 9.48
C ALA A 848 32.54 28.19 9.92
N THR A 849 32.68 28.04 11.22
CA THR A 849 33.52 27.03 11.83
C THR A 849 32.67 25.96 12.49
N ALA A 850 33.33 24.96 13.07
CA ALA A 850 32.62 23.87 13.70
C ALA A 850 31.79 24.34 14.88
N ASP A 851 32.29 25.29 15.66
CA ASP A 851 31.58 25.73 16.87
C ASP A 851 30.24 26.37 16.54
N ASP A 852 30.19 27.20 15.49
CA ASP A 852 28.93 27.84 15.13
C ASP A 852 27.89 26.81 14.73
N LEU A 853 28.28 25.82 13.94
CA LEU A 853 27.32 24.80 13.51
C LEU A 853 26.93 23.90 14.68
N ILE A 854 27.85 23.64 15.61
CA ILE A 854 27.51 22.88 16.81
C ILE A 854 26.45 23.63 17.62
N LYS A 855 26.64 24.94 17.78
CA LYS A 855 25.65 25.74 18.48
C LYS A 855 24.30 25.71 17.76
N VAL A 856 24.32 25.81 16.43
CA VAL A 856 23.09 25.77 15.66
C VAL A 856 22.38 24.44 15.87
N VAL A 857 23.13 23.34 15.81
CA VAL A 857 22.52 22.02 15.91
C VAL A 857 21.98 21.79 17.32
N GLU A 858 22.69 22.27 18.34
CA GLU A 858 22.17 22.15 19.70
C GLU A 858 20.90 22.97 19.89
N GLU A 859 20.86 24.19 19.32
CA GLU A 859 19.65 24.99 19.36
C GLU A 859 18.50 24.23 18.69
N LEU A 860 18.77 23.60 17.56
CA LEU A 860 17.74 22.83 16.87
C LEU A 860 17.28 21.64 17.71
N THR A 861 18.23 20.97 18.38
CA THR A 861 17.89 19.84 19.23
C THR A 861 17.04 20.26 20.43
N ARG A 862 17.20 21.51 20.86
CA ARG A 862 16.45 21.97 22.03
C ARG A 862 14.94 21.90 21.84
N ILE A 863 14.47 21.83 20.58
CA ILE A 863 13.03 21.88 20.33
C ILE A 863 12.29 20.64 20.79
N HIS A 864 13.01 19.55 21.06
CA HIS A 864 12.36 18.31 21.50
C HIS A 864 13.21 17.62 22.55
N MET B 55 -13.61 -7.28 5.37
CA MET B 55 -14.82 -6.48 5.45
C MET B 55 -14.97 -5.61 4.20
N ARG B 56 -16.16 -5.61 3.62
CA ARG B 56 -16.40 -4.83 2.40
C ARG B 56 -16.60 -3.35 2.72
N SER B 57 -17.11 -3.03 3.91
CA SER B 57 -17.31 -1.64 4.28
C SER B 57 -15.97 -0.90 4.28
N VAL B 58 -16.05 0.42 4.15
CA VAL B 58 -14.84 1.24 4.07
C VAL B 58 -14.30 1.57 5.46
N VAL B 59 -15.15 1.60 6.48
CA VAL B 59 -14.68 1.88 7.83
C VAL B 59 -13.76 0.78 8.32
N GLY B 60 -14.08 -0.48 7.99
CA GLY B 60 -13.20 -1.57 8.34
C GLY B 60 -11.85 -1.45 7.66
N PHE B 61 -11.85 -1.04 6.38
CA PHE B 61 -10.59 -0.82 5.67
C PHE B 61 -9.78 0.29 6.34
N LEU B 62 -10.44 1.38 6.72
CA LEU B 62 -9.73 2.48 7.36
C LEU B 62 -9.14 2.04 8.70
N SER B 63 -9.90 1.28 9.48
CA SER B 63 -9.40 0.78 10.76
C SER B 63 -8.20 -0.13 10.54
N GLN B 64 -8.29 -1.06 9.59
CA GLN B 64 -7.19 -1.97 9.34
C GLN B 64 -5.96 -1.22 8.85
N ARG B 65 -6.15 -0.22 7.98
CA ARG B 65 -5.02 0.54 7.47
C ARG B 65 -4.34 1.33 8.58
N GLY B 66 -5.13 1.97 9.45
CA GLY B 66 -4.56 2.70 10.56
C GLY B 66 -3.91 1.81 11.61
N LEU B 67 -4.34 0.54 11.67
CA LEU B 67 -3.78 -0.40 12.63
C LEU B 67 -2.49 -1.05 12.13
N HIS B 68 -2.43 -1.36 10.84
CA HIS B 68 -1.26 -2.04 10.27
C HIS B 68 -0.40 -1.12 9.41
N GLY B 69 -0.99 -0.12 8.77
CA GLY B 69 -0.23 0.85 8.01
C GLY B 69 0.60 0.24 6.89
N ASP B 70 -0.02 -0.63 6.09
CA ASP B 70 0.63 -1.27 4.96
C ASP B 70 -0.02 -0.81 3.66
N PRO B 71 0.77 -0.47 2.63
CA PRO B 71 0.17 0.01 1.39
C PRO B 71 -0.25 -1.12 0.46
N LEU B 72 -0.86 -2.16 1.03
CA LEU B 72 -1.44 -3.25 0.28
C LEU B 72 -2.92 -3.44 0.54
N LEU B 73 -3.48 -2.79 1.56
CA LEU B 73 -4.91 -2.85 1.80
C LEU B 73 -5.68 -1.95 0.84
N THR B 74 -4.99 -0.98 0.22
CA THR B 74 -5.66 -0.08 -0.72
C THR B 74 -6.10 -0.83 -1.97
N GLN B 75 -5.21 -1.64 -2.54
CA GLN B 75 -5.57 -2.41 -3.73
C GLN B 75 -6.67 -3.41 -3.41
N ASP B 76 -6.59 -4.07 -2.26
CA ASP B 76 -7.64 -5.00 -1.86
C ASP B 76 -8.98 -4.28 -1.68
N PHE B 77 -8.95 -3.10 -1.06
CA PHE B 77 -10.18 -2.36 -0.85
C PHE B 77 -10.80 -1.96 -2.18
N GLN B 78 -9.98 -1.47 -3.12
CA GLN B 78 -10.52 -1.06 -4.41
C GLN B 78 -11.03 -2.25 -5.20
N ARG B 79 -10.31 -3.38 -5.15
CA ARG B 79 -10.76 -4.59 -5.83
C ARG B 79 -12.10 -5.05 -5.29
N ARG B 80 -12.23 -5.08 -3.95
CA ARG B 80 -13.48 -5.55 -3.35
C ARG B 80 -14.61 -4.57 -3.60
N ARG B 81 -14.31 -3.28 -3.66
CA ARG B 81 -15.33 -2.29 -3.99
C ARG B 81 -15.85 -2.51 -5.40
N LEU B 82 -14.93 -2.69 -6.38
CA LEU B 82 -15.37 -2.92 -7.75
C LEU B 82 -16.10 -4.25 -7.88
N ARG B 83 -15.68 -5.26 -7.14
CA ARG B 83 -16.29 -6.58 -7.27
C ARG B 83 -17.77 -6.54 -6.89
N GLY B 84 -18.11 -5.81 -5.83
CA GLY B 84 -19.47 -5.73 -5.35
C GLY B 84 -20.34 -4.69 -6.02
N CYS B 85 -19.84 -4.01 -7.04
CA CYS B 85 -20.63 -2.99 -7.71
C CYS B 85 -21.61 -3.63 -8.70
N ARG B 86 -22.83 -3.09 -8.74
CA ARG B 86 -23.81 -3.44 -9.75
C ARG B 86 -24.11 -2.27 -10.68
N ASN B 87 -23.36 -1.17 -10.55
CA ASN B 87 -23.54 0.02 -11.36
C ASN B 87 -22.40 0.97 -10.98
N LEU B 88 -22.19 1.98 -11.81
CA LEU B 88 -21.09 2.92 -11.62
C LEU B 88 -21.60 4.35 -11.72
N TYR B 89 -20.91 5.24 -11.01
CA TYR B 89 -21.20 6.66 -11.08
C TYR B 89 -20.83 7.20 -12.45
N LYS B 90 -21.72 7.99 -13.03
CA LYS B 90 -21.62 8.45 -14.41
C LYS B 90 -21.28 9.93 -14.46
N LYS B 91 -20.52 10.32 -15.48
CA LYS B 91 -20.21 11.72 -15.69
C LYS B 91 -19.93 11.96 -17.16
N ASP B 92 -20.02 13.23 -17.57
CA ASP B 92 -19.83 13.64 -18.96
C ASP B 92 -18.62 14.56 -19.07
N LEU B 93 -17.95 14.51 -20.22
CA LEU B 93 -16.90 15.43 -20.58
C LEU B 93 -17.28 16.08 -21.91
N LEU B 94 -17.24 17.41 -21.94
CA LEU B 94 -17.71 18.22 -23.05
C LEU B 94 -16.55 19.06 -23.58
N GLY B 95 -16.54 19.29 -24.89
CA GLY B 95 -15.45 20.05 -25.49
C GLY B 95 -15.06 19.59 -26.88
N HIS B 96 -15.63 18.47 -27.33
CA HIS B 96 -15.43 17.97 -28.68
C HIS B 96 -16.65 18.33 -29.54
N PHE B 97 -16.38 18.81 -30.75
CA PHE B 97 -17.44 19.26 -31.64
C PHE B 97 -18.02 18.15 -32.50
N GLY B 98 -17.44 16.95 -32.48
CA GLY B 98 -17.91 15.86 -33.29
C GLY B 98 -17.63 14.52 -32.62
N CYS B 99 -17.79 13.45 -33.40
CA CYS B 99 -17.57 12.12 -32.88
C CYS B 99 -16.15 11.99 -32.34
N VAL B 100 -16.01 11.31 -31.20
CA VAL B 100 -14.71 11.04 -30.62
C VAL B 100 -14.30 9.63 -31.04
N ASN B 101 -13.16 9.52 -31.71
CA ASN B 101 -12.70 8.26 -32.26
C ASN B 101 -11.52 7.66 -31.50
N ALA B 102 -10.85 8.43 -30.67
CA ALA B 102 -9.68 7.92 -29.95
C ALA B 102 -9.60 8.57 -28.58
N ILE B 103 -9.37 7.76 -27.55
CA ILE B 103 -9.12 8.22 -26.19
C ILE B 103 -7.98 7.40 -25.62
N GLU B 104 -7.09 8.04 -24.88
CA GLU B 104 -5.96 7.35 -24.28
C GLU B 104 -5.61 7.99 -22.95
N PHE B 105 -5.50 7.17 -21.92
CA PHE B 105 -5.01 7.63 -20.63
C PHE B 105 -3.50 7.78 -20.65
N SER B 106 -3.00 8.79 -19.95
CA SER B 106 -1.56 8.97 -19.85
C SER B 106 -0.94 7.80 -19.08
N ASN B 107 0.28 7.45 -19.46
CA ASN B 107 0.96 6.33 -18.84
C ASN B 107 1.36 6.66 -17.41
N ASN B 108 1.39 5.60 -16.58
CA ASN B 108 1.93 5.69 -15.22
C ASN B 108 1.13 6.66 -14.37
N GLY B 109 -0.18 6.43 -14.29
CA GLY B 109 -1.03 7.21 -13.41
C GLY B 109 -2.32 7.68 -14.04
N GLY B 110 -2.35 7.78 -15.36
CA GLY B 110 -3.55 8.28 -16.03
C GLY B 110 -3.85 9.72 -15.69
N GLN B 111 -2.81 10.54 -15.49
CA GLN B 111 -3.02 11.92 -15.10
C GLN B 111 -3.77 12.70 -16.18
N TRP B 112 -3.39 12.50 -17.44
CA TRP B 112 -4.02 13.17 -18.56
C TRP B 112 -4.86 12.18 -19.37
N LEU B 113 -5.72 12.74 -20.21
CA LEU B 113 -6.50 11.96 -21.17
C LEU B 113 -6.43 12.67 -22.51
N VAL B 114 -5.79 12.05 -23.50
CA VAL B 114 -5.72 12.64 -24.83
C VAL B 114 -6.82 12.04 -25.68
N SER B 115 -7.60 12.90 -26.33
CA SER B 115 -8.74 12.48 -27.12
C SER B 115 -8.74 13.17 -28.47
N GLY B 116 -9.32 12.50 -29.46
CA GLY B 116 -9.39 13.01 -30.80
C GLY B 116 -10.52 12.37 -31.58
N GLY B 117 -10.97 13.06 -32.63
CA GLY B 117 -12.06 12.57 -33.43
C GLY B 117 -12.33 13.36 -34.69
N ASP B 118 -13.61 13.56 -35.01
CA ASP B 118 -13.98 14.22 -36.26
C ASP B 118 -13.56 15.68 -36.30
N ASP B 119 -13.57 16.37 -35.17
CA ASP B 119 -13.27 17.80 -35.15
C ASP B 119 -11.81 18.10 -35.42
N ARG B 120 -10.98 17.10 -35.69
CA ARG B 120 -9.60 17.23 -36.15
C ARG B 120 -8.66 17.71 -35.04
N ARG B 121 -9.16 17.97 -33.84
CA ARG B 121 -8.35 18.51 -32.76
C ARG B 121 -7.94 17.42 -31.80
N VAL B 122 -6.71 17.53 -31.28
CA VAL B 122 -6.19 16.62 -30.26
C VAL B 122 -6.30 17.36 -28.94
N LEU B 123 -7.28 16.99 -28.12
CA LEU B 123 -7.49 17.64 -26.84
C LEU B 123 -6.82 16.86 -25.73
N LEU B 124 -6.25 17.59 -24.77
CA LEU B 124 -5.54 17.02 -23.64
C LEU B 124 -6.28 17.43 -22.36
N TRP B 125 -7.11 16.53 -21.85
CA TRP B 125 -7.87 16.76 -20.63
C TRP B 125 -7.00 16.49 -19.42
N HIS B 126 -7.00 17.41 -18.46
CA HIS B 126 -6.48 17.13 -17.13
C HIS B 126 -7.62 16.56 -16.31
N MET B 127 -7.55 15.27 -16.01
CA MET B 127 -8.71 14.57 -15.45
C MET B 127 -9.14 15.18 -14.13
N GLU B 128 -8.18 15.47 -13.25
CA GLU B 128 -8.51 16.05 -11.95
C GLU B 128 -9.20 17.40 -12.12
N GLN B 129 -8.59 18.31 -12.88
CA GLN B 129 -9.18 19.62 -13.09
C GLN B 129 -10.44 19.53 -13.95
N ALA B 130 -10.42 18.67 -14.97
CA ALA B 130 -11.57 18.56 -15.86
C ALA B 130 -12.81 18.08 -15.12
N ILE B 131 -12.64 17.11 -14.22
CA ILE B 131 -13.78 16.57 -13.47
C ILE B 131 -14.45 17.66 -12.65
N HIS B 132 -13.65 18.47 -11.96
CA HIS B 132 -14.18 19.57 -11.18
C HIS B 132 -14.53 20.79 -12.04
N SER B 133 -14.47 20.66 -13.37
CA SER B 133 -14.83 21.73 -14.29
C SER B 133 -14.06 23.02 -13.98
N ARG B 134 -12.75 22.91 -13.76
CA ARG B 134 -11.95 24.08 -13.47
C ARG B 134 -11.36 24.71 -14.73
N VAL B 135 -10.95 23.88 -15.70
CA VAL B 135 -10.28 24.34 -16.90
C VAL B 135 -10.91 23.64 -18.10
N LYS B 136 -10.50 24.08 -19.29
CA LYS B 136 -10.93 23.52 -20.55
C LYS B 136 -9.78 22.70 -21.15
N PRO B 137 -10.08 21.77 -22.06
CA PRO B 137 -9.02 20.93 -22.61
C PRO B 137 -7.98 21.77 -23.35
N ILE B 138 -6.72 21.35 -23.23
CA ILE B 138 -5.62 21.98 -23.94
C ILE B 138 -5.59 21.40 -25.35
N GLN B 139 -5.83 22.24 -26.35
CA GLN B 139 -5.80 21.80 -27.74
C GLN B 139 -4.36 21.89 -28.23
N LEU B 140 -3.76 20.73 -28.51
CA LEU B 140 -2.39 20.70 -29.00
C LEU B 140 -2.30 21.42 -30.34
N LYS B 141 -1.28 22.24 -30.49
CA LYS B 141 -1.05 22.93 -31.76
C LYS B 141 -0.62 21.91 -32.82
N GLY B 142 -1.27 21.97 -33.97
CA GLY B 142 -1.05 21.00 -35.02
C GLY B 142 -2.23 20.07 -35.16
N GLU B 143 -3.08 20.32 -36.16
CA GLU B 143 -4.31 19.57 -36.35
C GLU B 143 -4.19 18.68 -37.58
N HIS B 144 -4.95 17.58 -37.57
CA HIS B 144 -5.01 16.71 -38.72
C HIS B 144 -5.98 17.27 -39.75
N HIS B 145 -5.80 16.86 -41.00
CA HIS B 145 -6.66 17.29 -42.09
C HIS B 145 -7.93 16.46 -42.22
N SER B 146 -8.05 15.38 -41.44
CA SER B 146 -9.24 14.54 -41.48
C SER B 146 -9.39 13.88 -40.12
N ASN B 147 -10.33 12.94 -40.02
CA ASN B 147 -10.64 12.28 -38.76
C ASN B 147 -9.36 11.76 -38.10
N ILE B 148 -9.29 11.90 -36.79
CA ILE B 148 -8.21 11.28 -36.02
C ILE B 148 -8.69 9.92 -35.54
N PHE B 149 -7.92 8.88 -35.83
CA PHE B 149 -8.32 7.51 -35.54
C PHE B 149 -7.55 6.88 -34.39
N CYS B 150 -6.37 7.38 -34.05
CA CYS B 150 -5.56 6.76 -33.01
C CYS B 150 -4.66 7.79 -32.33
N LEU B 151 -4.45 7.59 -31.03
CA LEU B 151 -3.58 8.42 -30.22
C LEU B 151 -2.72 7.52 -29.35
N ALA B 152 -1.60 8.06 -28.89
CA ALA B 152 -0.71 7.29 -28.03
C ALA B 152 0.20 8.24 -27.27
N PHE B 153 0.52 7.89 -26.02
CA PHE B 153 1.57 8.55 -25.27
C PHE B 153 2.86 7.76 -25.40
N ASN B 154 3.95 8.32 -24.87
CA ASN B 154 5.22 7.62 -24.76
C ASN B 154 5.49 7.35 -23.28
N SER B 155 6.55 6.60 -23.03
CA SER B 155 6.90 6.23 -21.65
C SER B 155 7.45 7.44 -20.93
N GLY B 156 6.56 8.25 -20.35
CA GLY B 156 6.95 9.49 -19.71
C GLY B 156 5.94 10.59 -19.97
N ASN B 157 5.06 10.38 -20.94
CA ASN B 157 4.02 11.34 -21.30
C ASN B 157 4.62 12.69 -21.66
N THR B 158 5.81 12.67 -22.27
CA THR B 158 6.45 13.88 -22.76
C THR B 158 6.13 14.19 -24.21
N LYS B 159 5.49 13.26 -24.93
CA LYS B 159 5.12 13.47 -26.31
C LYS B 159 3.87 12.65 -26.61
N VAL B 160 3.17 13.04 -27.67
CA VAL B 160 1.91 12.39 -28.06
C VAL B 160 1.93 12.12 -29.57
N PHE B 161 1.66 10.88 -29.95
CA PHE B 161 1.51 10.51 -31.35
C PHE B 161 0.01 10.51 -31.69
N SER B 162 -0.34 11.15 -32.79
CA SER B 162 -1.73 11.20 -33.25
C SER B 162 -1.78 10.90 -34.73
N GLY B 163 -2.69 10.01 -35.14
CA GLY B 163 -2.78 9.63 -36.54
C GLY B 163 -4.20 9.29 -36.93
N GLY B 164 -4.44 9.36 -38.25
CA GLY B 164 -5.68 8.87 -38.81
C GLY B 164 -6.24 9.65 -39.99
N ASN B 165 -6.56 8.92 -41.06
CA ASN B 165 -7.42 9.39 -42.14
C ASN B 165 -6.83 10.52 -42.98
N ASP B 166 -5.66 11.04 -42.59
CA ASP B 166 -5.00 12.07 -43.38
C ASP B 166 -3.60 11.62 -43.80
N GLU B 167 -3.34 10.31 -43.80
CA GLU B 167 -2.09 9.75 -44.26
C GLU B 167 -0.91 10.43 -43.57
N GLN B 168 -1.02 10.58 -42.26
CA GLN B 168 -0.05 11.37 -41.51
C GLN B 168 -0.10 10.96 -40.05
N VAL B 169 1.06 10.96 -39.41
CA VAL B 169 1.17 10.81 -37.96
C VAL B 169 1.96 11.99 -37.43
N ILE B 170 1.36 12.73 -36.50
CA ILE B 170 1.97 13.94 -35.95
C ILE B 170 2.44 13.62 -34.53
N LEU B 171 3.69 13.96 -34.25
CA LEU B 171 4.28 13.83 -32.93
C LEU B 171 4.30 15.21 -32.29
N HIS B 172 3.51 15.39 -31.24
CA HIS B 172 3.34 16.63 -30.50
C HIS B 172 4.14 16.59 -29.21
N ASP B 173 4.50 17.77 -28.73
CA ASP B 173 5.07 17.95 -27.39
C ASP B 173 3.99 18.45 -26.45
N VAL B 174 3.59 17.61 -25.50
CA VAL B 174 2.50 17.97 -24.60
C VAL B 174 2.90 19.05 -23.61
N GLU B 175 4.17 19.11 -23.19
CA GLU B 175 4.60 20.11 -22.24
C GLU B 175 4.37 21.52 -22.78
N SER B 176 4.65 21.73 -24.06
CA SER B 176 4.44 23.01 -24.71
C SER B 176 3.35 23.00 -25.77
N SER B 177 2.74 21.84 -26.02
CA SER B 177 1.63 21.73 -26.98
C SER B 177 2.05 22.24 -28.36
N GLU B 178 3.18 21.76 -28.83
CA GLU B 178 3.73 22.16 -30.12
C GLU B 178 4.09 20.92 -30.94
N THR B 179 3.79 20.98 -32.24
CA THR B 179 4.13 19.89 -33.12
C THR B 179 5.64 19.71 -33.17
N LEU B 180 6.10 18.47 -32.96
CA LEU B 180 7.51 18.14 -33.01
C LEU B 180 7.93 17.46 -34.30
N ASP B 181 7.08 16.59 -34.85
CA ASP B 181 7.50 15.84 -36.02
C ASP B 181 6.27 15.37 -36.80
N VAL B 182 6.52 14.98 -38.05
CA VAL B 182 5.46 14.48 -38.93
C VAL B 182 6.02 13.28 -39.70
N PHE B 183 5.22 12.23 -39.81
CA PHE B 183 5.59 11.01 -40.51
C PHE B 183 4.50 10.68 -41.53
N ALA B 184 4.88 10.62 -42.80
CA ALA B 184 3.91 10.44 -43.86
C ALA B 184 3.60 8.96 -44.06
N HIS B 185 2.35 8.68 -44.42
CA HIS B 185 1.89 7.33 -44.69
C HIS B 185 1.15 7.31 -46.01
N GLU B 186 0.97 6.10 -46.55
CA GLU B 186 0.33 5.93 -47.85
C GLU B 186 -1.18 5.78 -47.75
N ASP B 187 -1.73 5.61 -46.55
CA ASP B 187 -3.17 5.45 -46.40
C ASP B 187 -3.53 5.72 -44.95
N ALA B 188 -4.84 5.73 -44.67
CA ALA B 188 -5.32 6.09 -43.35
C ALA B 188 -4.71 5.19 -42.27
N VAL B 189 -4.31 5.81 -41.16
CA VAL B 189 -3.68 5.12 -40.05
C VAL B 189 -4.75 4.77 -39.03
N TYR B 190 -4.73 3.53 -38.54
CA TYR B 190 -5.67 3.09 -37.52
C TYR B 190 -5.03 2.68 -36.21
N GLY B 191 -3.78 2.25 -36.23
CA GLY B 191 -3.10 1.79 -35.03
C GLY B 191 -1.85 2.61 -34.76
N LEU B 192 -1.58 2.82 -33.48
CA LEU B 192 -0.35 3.47 -33.03
C LEU B 192 0.07 2.83 -31.72
N SER B 193 1.31 2.36 -31.66
CA SER B 193 1.85 1.78 -30.45
C SER B 193 3.29 2.24 -30.27
N VAL B 194 3.63 2.65 -29.06
CA VAL B 194 4.96 3.14 -28.72
C VAL B 194 5.70 2.03 -27.98
N SER B 195 6.94 1.80 -28.36
CA SER B 195 7.71 0.72 -27.75
C SER B 195 7.81 0.97 -26.24
N PRO B 196 7.47 0.00 -25.40
CA PRO B 196 7.53 0.23 -23.95
C PRO B 196 8.93 0.50 -23.44
N VAL B 197 9.96 0.12 -24.18
CA VAL B 197 11.34 0.32 -23.74
C VAL B 197 11.95 1.57 -24.36
N ASN B 198 11.77 1.76 -25.66
CA ASN B 198 12.33 2.90 -26.38
C ASN B 198 11.23 3.89 -26.71
N ASP B 199 11.38 5.12 -26.24
CA ASP B 199 10.42 6.17 -26.56
C ASP B 199 10.51 6.62 -28.01
N ASN B 200 11.62 6.32 -28.69
CA ASN B 200 11.83 6.78 -30.06
C ASN B 200 11.27 5.82 -31.10
N ILE B 201 10.87 4.62 -30.71
CA ILE B 201 10.37 3.61 -31.63
C ILE B 201 8.86 3.51 -31.44
N PHE B 202 8.12 3.54 -32.55
CA PHE B 202 6.68 3.36 -32.47
C PHE B 202 6.19 2.65 -33.73
N ALA B 203 5.18 1.80 -33.55
CA ALA B 203 4.58 1.05 -34.64
C ALA B 203 3.30 1.73 -35.12
N SER B 204 2.96 1.52 -36.38
CA SER B 204 1.77 2.10 -36.97
C SER B 204 1.16 1.13 -37.97
N SER B 205 -0.16 1.00 -37.94
CA SER B 205 -0.89 0.15 -38.87
C SER B 205 -1.74 1.02 -39.79
N SER B 206 -1.70 0.73 -41.08
CA SER B 206 -2.37 1.54 -42.08
C SER B 206 -3.47 0.75 -42.78
N ASP B 207 -4.29 1.47 -43.55
CA ASP B 207 -5.39 0.85 -44.27
C ASP B 207 -4.92 0.07 -45.49
N ASP B 208 -3.79 0.47 -46.08
CA ASP B 208 -3.27 -0.26 -47.23
C ASP B 208 -2.78 -1.65 -46.84
N GLY B 209 -2.66 -1.94 -45.56
CA GLY B 209 -2.29 -3.26 -45.09
C GLY B 209 -0.83 -3.37 -44.72
N ARG B 210 -0.26 -2.28 -44.20
CA ARG B 210 1.13 -2.25 -43.78
C ARG B 210 1.21 -1.93 -42.29
N VAL B 211 1.98 -2.74 -41.56
CA VAL B 211 2.38 -2.44 -40.20
C VAL B 211 3.85 -2.08 -40.25
N LEU B 212 4.16 -0.84 -39.89
CA LEU B 212 5.48 -0.24 -40.03
C LEU B 212 6.03 0.11 -38.66
N ILE B 213 7.35 0.15 -38.56
CA ILE B 213 8.05 0.51 -37.33
C ILE B 213 8.89 1.75 -37.65
N TRP B 214 8.54 2.87 -37.04
CA TRP B 214 9.28 4.11 -37.21
C TRP B 214 10.20 4.36 -36.02
N ASP B 215 11.35 4.97 -36.30
CA ASP B 215 12.26 5.48 -35.28
C ASP B 215 12.31 6.99 -35.46
N ILE B 216 11.66 7.73 -34.57
CA ILE B 216 11.60 9.18 -34.71
C ILE B 216 12.98 9.80 -34.61
N ARG B 217 13.93 9.10 -33.98
CA ARG B 217 15.27 9.63 -33.80
C ARG B 217 15.98 9.87 -35.12
N GLU B 218 15.52 9.25 -36.21
CA GLU B 218 16.10 9.44 -37.54
C GLU B 218 14.99 9.83 -38.51
N SER B 219 14.15 10.77 -38.08
CA SER B 219 12.98 11.20 -38.82
C SER B 219 13.31 11.78 -40.20
N PRO B 220 14.26 12.72 -40.31
CA PRO B 220 14.41 13.45 -41.59
C PRO B 220 14.62 12.52 -42.78
N HIS B 221 15.36 11.43 -42.57
CA HIS B 221 15.53 10.40 -43.58
C HIS B 221 14.47 9.33 -43.32
N GLY B 222 13.26 9.57 -43.82
CA GLY B 222 12.15 8.68 -43.50
C GLY B 222 12.16 7.39 -44.28
N GLU B 223 12.53 6.30 -43.61
CA GLU B 223 12.52 4.97 -44.20
C GLU B 223 11.85 4.00 -43.23
N PRO B 224 10.52 3.98 -43.16
CA PRO B 224 9.86 3.10 -42.19
C PRO B 224 10.21 1.64 -42.43
N PHE B 225 10.40 0.91 -41.34
CA PHE B 225 10.71 -0.51 -41.39
C PHE B 225 9.40 -1.28 -41.39
N CYS B 226 9.11 -1.99 -42.48
CA CYS B 226 7.82 -2.66 -42.66
C CYS B 226 7.82 -3.97 -41.92
N LEU B 227 7.10 -4.03 -40.80
CA LEU B 227 6.98 -5.28 -40.06
C LEU B 227 6.05 -6.26 -40.76
N ALA B 228 5.00 -5.76 -41.41
CA ALA B 228 4.06 -6.66 -42.08
C ALA B 228 3.42 -5.95 -43.25
N ASN B 229 3.06 -6.74 -44.27
CA ASN B 229 2.43 -6.22 -45.48
C ASN B 229 1.42 -7.27 -45.96
N TYR B 230 0.15 -6.91 -45.94
CA TYR B 230 -0.93 -7.78 -46.41
C TYR B 230 -1.86 -6.99 -47.32
N PRO B 231 -2.60 -7.67 -48.20
CA PRO B 231 -3.53 -6.93 -49.08
C PRO B 231 -4.70 -6.32 -48.34
N SER B 232 -4.95 -6.72 -47.09
CA SER B 232 -6.08 -6.23 -46.32
C SER B 232 -5.62 -5.18 -45.31
N ALA B 233 -6.60 -4.40 -44.84
CA ALA B 233 -6.31 -3.26 -43.96
C ALA B 233 -6.02 -3.77 -42.56
N PHE B 234 -4.84 -3.44 -42.04
CA PHE B 234 -4.53 -3.70 -40.64
C PHE B 234 -5.28 -2.70 -39.77
N HIS B 235 -6.03 -3.22 -38.79
CA HIS B 235 -6.87 -2.38 -37.96
C HIS B 235 -6.27 -2.07 -36.59
N SER B 236 -5.36 -2.89 -36.09
CA SER B 236 -4.77 -2.61 -34.79
C SER B 236 -3.35 -3.18 -34.75
N VAL B 237 -2.48 -2.48 -34.03
CA VAL B 237 -1.14 -2.96 -33.73
C VAL B 237 -0.79 -2.51 -32.32
N MET B 238 -0.18 -3.41 -31.53
CA MET B 238 0.17 -3.06 -30.16
C MET B 238 1.43 -3.80 -29.76
N PHE B 239 2.38 -3.07 -29.17
CA PHE B 239 3.58 -3.68 -28.61
C PHE B 239 3.23 -4.47 -27.35
N ASN B 240 4.00 -5.51 -27.09
CA ASN B 240 3.82 -6.28 -25.86
C ASN B 240 4.33 -5.45 -24.69
N PRO B 241 3.53 -5.23 -23.65
CA PRO B 241 3.99 -4.35 -22.56
C PRO B 241 5.25 -4.84 -21.87
N VAL B 242 5.50 -6.15 -21.84
CA VAL B 242 6.66 -6.70 -21.15
C VAL B 242 7.73 -7.21 -22.10
N GLU B 243 7.42 -7.41 -23.38
CA GLU B 243 8.37 -7.93 -24.36
C GLU B 243 8.32 -7.06 -25.62
N PRO B 244 9.16 -6.03 -25.71
CA PRO B 244 9.05 -5.11 -26.86
C PRO B 244 9.23 -5.79 -28.22
N ARG B 245 9.99 -6.88 -28.31
CA ARG B 245 10.18 -7.52 -29.61
C ARG B 245 8.92 -8.18 -30.13
N LEU B 246 7.95 -8.48 -29.28
CA LEU B 246 6.70 -9.11 -29.70
C LEU B 246 5.62 -8.06 -29.91
N LEU B 247 4.85 -8.22 -30.99
CA LEU B 247 3.74 -7.33 -31.30
C LEU B 247 2.50 -8.16 -31.60
N ALA B 248 1.34 -7.56 -31.38
CA ALA B 248 0.06 -8.17 -31.70
C ALA B 248 -0.66 -7.29 -32.71
N THR B 249 -1.13 -7.89 -33.80
CA THR B 249 -1.80 -7.17 -34.87
C THR B 249 -3.18 -7.76 -35.11
N ALA B 250 -4.15 -6.87 -35.33
CA ALA B 250 -5.51 -7.24 -35.68
C ALA B 250 -5.77 -6.77 -37.11
N ASN B 251 -6.13 -7.70 -37.98
CA ASN B 251 -6.32 -7.48 -39.40
C ASN B 251 -7.75 -7.79 -39.80
N SER B 252 -8.22 -7.10 -40.84
CA SER B 252 -9.60 -7.23 -41.29
C SER B 252 -9.91 -8.58 -41.92
N LYS B 253 -8.94 -9.18 -42.62
CA LYS B 253 -9.16 -10.47 -43.27
C LYS B 253 -8.10 -11.50 -42.91
N GLU B 254 -7.27 -11.25 -41.89
CA GLU B 254 -6.27 -12.22 -41.49
C GLU B 254 -6.29 -12.49 -39.98
N GLY B 255 -7.32 -12.02 -39.26
CA GLY B 255 -7.43 -12.35 -37.87
C GLY B 255 -6.36 -11.69 -37.01
N VAL B 256 -6.12 -12.31 -35.85
CA VAL B 256 -5.17 -11.83 -34.87
C VAL B 256 -3.86 -12.57 -35.06
N GLY B 257 -2.76 -11.81 -35.11
CA GLY B 257 -1.45 -12.39 -35.32
C GLY B 257 -0.45 -11.87 -34.30
N LEU B 258 0.50 -12.74 -33.98
CA LEU B 258 1.63 -12.41 -33.11
C LEU B 258 2.89 -12.38 -33.96
N TRP B 259 3.58 -11.25 -33.93
CA TRP B 259 4.70 -10.96 -34.80
C TRP B 259 5.95 -10.70 -33.98
N ASP B 260 7.10 -11.00 -34.57
CA ASP B 260 8.40 -10.72 -33.97
C ASP B 260 9.10 -9.62 -34.75
N ILE B 261 9.74 -8.70 -34.02
CA ILE B 261 10.40 -7.57 -34.66
C ILE B 261 11.56 -8.03 -35.54
N ARG B 262 12.13 -9.20 -35.25
CA ARG B 262 13.25 -9.73 -36.02
C ARG B 262 12.81 -10.65 -37.15
N LYS B 263 11.50 -10.81 -37.36
CA LYS B 263 10.96 -11.64 -38.45
C LYS B 263 9.97 -10.79 -39.21
N PRO B 264 10.45 -9.91 -40.10
CA PRO B 264 9.58 -8.87 -40.68
C PRO B 264 8.56 -9.37 -41.68
N GLN B 265 8.43 -10.69 -41.91
CA GLN B 265 7.43 -11.18 -42.85
C GLN B 265 6.65 -12.38 -42.34
N SER B 266 7.15 -13.16 -41.39
CA SER B 266 6.47 -14.35 -40.88
C SER B 266 5.97 -14.06 -39.48
N SER B 267 4.66 -14.17 -39.28
CA SER B 267 4.08 -14.00 -37.95
C SER B 267 4.45 -15.18 -37.07
N LEU B 268 4.75 -14.90 -35.80
CA LEU B 268 5.03 -15.98 -34.86
C LEU B 268 3.82 -16.88 -34.68
N LEU B 269 2.63 -16.30 -34.59
CA LEU B 269 1.44 -17.10 -34.32
C LEU B 269 0.24 -16.46 -35.00
N ARG B 270 -0.79 -17.28 -35.23
CA ARG B 270 -2.05 -16.81 -35.82
C ARG B 270 -3.18 -17.39 -34.99
N TYR B 271 -3.82 -16.54 -34.19
CA TYR B 271 -4.85 -17.01 -33.27
C TYR B 271 -6.17 -17.24 -33.99
N GLY B 272 -6.86 -18.30 -33.59
CA GLY B 272 -8.15 -18.63 -34.17
C GLY B 272 -8.35 -20.13 -34.33
N GLN B 278 -11.49 -15.59 -40.42
CA GLN B 278 -10.76 -14.78 -39.44
C GLN B 278 -10.92 -13.29 -39.74
N SER B 279 -11.45 -12.55 -38.77
CA SER B 279 -11.68 -11.12 -38.90
C SER B 279 -11.56 -10.49 -37.51
N ALA B 280 -10.61 -9.58 -37.35
CA ALA B 280 -10.37 -8.89 -36.09
C ALA B 280 -10.25 -7.40 -36.36
N MET B 281 -10.91 -6.59 -35.53
CA MET B 281 -10.79 -5.14 -35.61
C MET B 281 -9.90 -4.56 -34.53
N SER B 282 -9.73 -5.22 -33.40
CA SER B 282 -8.93 -4.69 -32.31
C SER B 282 -8.36 -5.85 -31.50
N VAL B 283 -7.11 -5.71 -31.07
CA VAL B 283 -6.44 -6.67 -30.22
C VAL B 283 -5.66 -5.91 -29.16
N ARG B 284 -5.77 -6.35 -27.91
CA ARG B 284 -5.12 -5.70 -26.78
C ARG B 284 -4.47 -6.73 -25.90
N PHE B 285 -3.22 -6.48 -25.52
CA PHE B 285 -2.59 -7.28 -24.47
C PHE B 285 -3.09 -6.83 -23.11
N ASN B 286 -2.87 -7.68 -22.11
CA ASN B 286 -3.12 -7.30 -20.73
C ASN B 286 -1.87 -6.64 -20.16
N SER B 287 -1.89 -6.28 -18.88
CA SER B 287 -0.78 -5.54 -18.30
C SER B 287 0.52 -6.33 -18.37
N ASN B 288 0.46 -7.63 -18.07
CA ASN B 288 1.65 -8.48 -18.12
C ASN B 288 1.87 -9.11 -19.49
N GLY B 289 1.00 -8.84 -20.46
CA GLY B 289 1.24 -9.27 -21.82
C GLY B 289 1.14 -10.76 -22.06
N THR B 290 0.41 -11.48 -21.22
CA THR B 290 0.27 -12.93 -21.36
C THR B 290 -1.07 -13.33 -21.96
N GLN B 291 -1.93 -12.37 -22.30
CA GLN B 291 -3.22 -12.69 -22.90
C GLN B 291 -3.57 -11.63 -23.94
N LEU B 292 -4.41 -12.02 -24.89
CA LEU B 292 -4.85 -11.13 -25.95
C LEU B 292 -6.37 -11.11 -26.00
N LEU B 293 -6.95 -9.92 -25.88
CA LEU B 293 -8.39 -9.73 -26.02
C LEU B 293 -8.65 -9.14 -27.40
N ALA B 294 -9.53 -9.79 -28.17
CA ALA B 294 -9.76 -9.43 -29.55
C ALA B 294 -11.25 -9.22 -29.79
N LEU B 295 -11.54 -8.20 -30.61
CA LEU B 295 -12.90 -7.88 -31.03
C LEU B 295 -13.03 -8.23 -32.51
N ARG B 296 -14.13 -8.90 -32.86
CA ARG B 296 -14.35 -9.38 -34.22
C ARG B 296 -15.60 -8.75 -34.82
N ARG B 297 -15.64 -8.77 -36.16
CA ARG B 297 -16.61 -7.95 -36.89
C ARG B 297 -18.05 -8.32 -36.61
N ARG B 298 -18.36 -9.58 -36.33
CA ARG B 298 -19.71 -9.94 -35.95
C ARG B 298 -19.77 -11.00 -34.86
N LEU B 299 -18.71 -11.21 -34.10
CA LEU B 299 -18.60 -12.29 -33.13
C LEU B 299 -18.34 -11.73 -31.74
N PRO B 300 -18.53 -12.53 -30.70
CA PRO B 300 -18.30 -12.03 -29.34
C PRO B 300 -16.83 -11.77 -29.09
N PRO B 301 -16.49 -10.93 -28.10
CA PRO B 301 -15.08 -10.76 -27.76
C PRO B 301 -14.44 -12.08 -27.37
N VAL B 302 -13.17 -12.26 -27.75
CA VAL B 302 -12.47 -13.52 -27.57
C VAL B 302 -11.15 -13.26 -26.86
N LEU B 303 -10.86 -14.10 -25.86
CA LEU B 303 -9.62 -14.02 -25.09
C LEU B 303 -8.75 -15.23 -25.41
N TYR B 304 -7.49 -14.96 -25.73
CA TYR B 304 -6.50 -15.97 -26.10
C TYR B 304 -5.34 -15.91 -25.12
N ASP B 305 -4.71 -17.06 -24.89
CA ASP B 305 -3.39 -17.07 -24.29
C ASP B 305 -2.34 -16.79 -25.35
N ILE B 306 -1.26 -16.11 -24.93
CA ILE B 306 -0.27 -15.64 -25.88
C ILE B 306 0.34 -16.81 -26.66
N HIS B 307 0.24 -18.03 -26.13
CA HIS B 307 0.86 -19.19 -26.75
C HIS B 307 -0.12 -20.24 -27.26
N SER B 308 -1.36 -20.25 -26.76
CA SER B 308 -2.23 -21.39 -27.01
C SER B 308 -2.64 -21.49 -28.47
N ARG B 309 -2.96 -20.35 -29.10
CA ARG B 309 -3.50 -20.26 -30.45
C ARG B 309 -4.97 -20.64 -30.51
N LEU B 310 -5.55 -21.15 -29.42
CA LEU B 310 -6.96 -21.52 -29.37
C LEU B 310 -7.71 -20.56 -28.45
N PRO B 311 -8.99 -20.31 -28.72
CA PRO B 311 -9.73 -19.35 -27.87
C PRO B 311 -9.83 -19.82 -26.43
N VAL B 312 -9.17 -19.10 -25.53
CA VAL B 312 -9.30 -19.40 -24.10
C VAL B 312 -10.72 -19.14 -23.64
N PHE B 313 -11.30 -18.02 -24.07
CA PHE B 313 -12.65 -17.66 -23.67
C PHE B 313 -13.32 -16.88 -24.79
N GLN B 314 -14.65 -16.90 -24.77
CA GLN B 314 -15.47 -15.98 -25.53
C GLN B 314 -16.50 -15.40 -24.57
N PHE B 315 -16.91 -14.16 -24.81
CA PHE B 315 -17.80 -13.46 -23.89
C PHE B 315 -19.03 -12.99 -24.63
N ASP B 316 -20.20 -13.37 -24.13
CA ASP B 316 -21.46 -13.03 -24.78
C ASP B 316 -22.46 -12.57 -23.74
N ASN B 317 -23.41 -11.75 -24.20
CA ASN B 317 -24.52 -11.31 -23.36
C ASN B 317 -25.66 -10.89 -24.27
N GLN B 318 -26.88 -10.96 -23.73
CA GLN B 318 -28.05 -10.58 -24.51
C GLN B 318 -28.02 -9.09 -24.81
N GLY B 319 -28.20 -8.75 -26.09
CA GLY B 319 -28.20 -7.37 -26.54
C GLY B 319 -26.88 -6.87 -27.08
N TYR B 320 -25.78 -7.57 -26.81
CA TYR B 320 -24.49 -7.13 -27.31
C TYR B 320 -24.37 -7.42 -28.80
N PHE B 321 -23.92 -6.42 -29.56
CA PHE B 321 -23.70 -6.59 -30.98
C PHE B 321 -22.60 -5.64 -31.42
N ASN B 322 -21.68 -6.14 -32.24
CA ASN B 322 -20.53 -5.38 -32.71
C ASN B 322 -20.38 -5.60 -34.21
N SER B 323 -21.08 -4.79 -35.00
CA SER B 323 -20.98 -4.93 -36.46
C SER B 323 -20.75 -3.63 -37.20
N CYS B 324 -21.37 -2.53 -36.77
CA CYS B 324 -21.51 -1.34 -37.62
C CYS B 324 -20.48 -0.26 -37.33
N THR B 325 -19.50 -0.52 -36.47
CA THR B 325 -18.47 0.48 -36.19
C THR B 325 -17.20 -0.21 -35.71
N MET B 326 -16.07 0.44 -35.96
CA MET B 326 -14.78 -0.05 -35.50
C MET B 326 -14.63 0.30 -34.04
N LYS B 327 -14.58 -0.71 -33.17
CA LYS B 327 -14.56 -0.53 -31.73
C LYS B 327 -13.21 -0.97 -31.17
N SER B 328 -13.01 -0.65 -29.90
CA SER B 328 -11.81 -1.04 -29.17
C SER B 328 -12.20 -1.58 -27.81
N CYS B 329 -11.32 -2.40 -27.25
CA CYS B 329 -11.56 -3.10 -25.99
C CYS B 329 -10.40 -2.84 -25.04
N CYS B 330 -10.54 -3.30 -23.80
CA CYS B 330 -9.51 -3.12 -22.81
C CYS B 330 -9.74 -4.08 -21.65
N PHE B 331 -8.71 -4.27 -20.85
CA PHE B 331 -8.80 -5.01 -19.60
C PHE B 331 -9.00 -4.03 -18.44
N ALA B 332 -9.75 -4.47 -17.44
CA ALA B 332 -10.02 -3.67 -16.25
C ALA B 332 -9.67 -4.48 -15.01
N GLY B 333 -9.43 -3.78 -13.91
CA GLY B 333 -8.97 -4.41 -12.69
C GLY B 333 -7.48 -4.27 -12.51
N ASP B 334 -6.98 -4.47 -11.29
CA ASP B 334 -5.54 -4.37 -11.05
C ASP B 334 -4.77 -5.53 -11.66
N ARG B 335 -5.39 -6.72 -11.76
CA ARG B 335 -4.75 -7.87 -12.40
C ARG B 335 -5.50 -8.28 -13.67
N ASP B 336 -6.18 -7.32 -14.31
CA ASP B 336 -6.80 -7.53 -15.60
C ASP B 336 -7.74 -8.73 -15.59
N GLN B 337 -8.66 -8.72 -14.62
CA GLN B 337 -9.66 -9.78 -14.48
C GLN B 337 -11.01 -9.34 -15.03
N TYR B 338 -11.04 -8.31 -15.87
CA TYR B 338 -12.29 -7.79 -16.42
C TYR B 338 -12.09 -7.48 -17.90
N ILE B 339 -13.17 -7.61 -18.65
CA ILE B 339 -13.20 -7.36 -20.08
C ILE B 339 -14.25 -6.30 -20.35
N LEU B 340 -13.89 -5.25 -21.07
CA LEU B 340 -14.79 -4.15 -21.39
C LEU B 340 -14.99 -4.07 -22.89
N SER B 341 -16.21 -3.75 -23.33
CA SER B 341 -16.46 -3.60 -24.75
C SER B 341 -17.76 -2.85 -24.97
N GLY B 342 -17.75 -1.94 -25.95
CA GLY B 342 -18.96 -1.28 -26.37
C GLY B 342 -19.78 -2.15 -27.30
N SER B 343 -20.99 -1.69 -27.60
CA SER B 343 -21.89 -2.44 -28.46
C SER B 343 -22.73 -1.47 -29.28
N ASP B 344 -23.50 -2.04 -30.22
CA ASP B 344 -24.34 -1.23 -31.09
C ASP B 344 -25.63 -0.79 -30.41
N ASP B 345 -25.99 -1.38 -29.29
CA ASP B 345 -27.20 -1.01 -28.55
C ASP B 345 -26.96 0.17 -27.61
N PHE B 346 -25.80 0.81 -27.69
CA PHE B 346 -25.38 1.99 -26.93
C PHE B 346 -24.93 1.65 -25.52
N ASN B 347 -24.99 0.38 -25.10
CA ASN B 347 -24.54 0.00 -23.77
C ASN B 347 -23.08 -0.42 -23.80
N LEU B 348 -22.45 -0.37 -22.64
CA LEU B 348 -21.05 -0.75 -22.45
C LEU B 348 -21.02 -1.97 -21.55
N TYR B 349 -20.56 -3.10 -22.07
CA TYR B 349 -20.62 -4.36 -21.36
C TYR B 349 -19.29 -4.67 -20.69
N MET B 350 -19.38 -5.20 -19.47
CA MET B 350 -18.22 -5.57 -18.68
C MET B 350 -18.41 -7.01 -18.21
N TRP B 351 -17.51 -7.88 -18.63
CA TRP B 351 -17.49 -9.28 -18.21
C TRP B 351 -16.35 -9.50 -17.24
N ARG B 352 -16.46 -10.57 -16.45
CA ARG B 352 -15.39 -11.00 -15.57
C ARG B 352 -14.78 -12.27 -16.13
N ILE B 353 -13.46 -12.29 -16.26
CA ILE B 353 -12.75 -13.46 -16.78
C ILE B 353 -12.86 -14.56 -15.73
N PRO B 354 -13.45 -15.71 -16.03
CA PRO B 354 -13.55 -16.77 -15.02
C PRO B 354 -12.17 -17.20 -14.54
N ALA B 355 -12.07 -17.43 -13.22
CA ALA B 355 -10.80 -17.86 -12.65
C ALA B 355 -10.48 -19.29 -13.06
N ASP B 356 -11.48 -20.16 -13.11
CA ASP B 356 -11.29 -21.55 -13.46
C ASP B 356 -11.65 -21.74 -14.92
N PRO B 357 -10.70 -22.06 -15.82
CA PRO B 357 -11.04 -22.28 -17.22
C PRO B 357 -12.05 -23.41 -17.42
N ARG B 364 -16.98 -22.64 -24.27
CA ARG B 364 -16.16 -21.75 -23.47
C ARG B 364 -16.77 -20.35 -23.44
N VAL B 365 -18.08 -20.26 -23.64
CA VAL B 365 -18.76 -18.98 -23.70
C VAL B 365 -19.18 -18.56 -22.30
N VAL B 366 -18.71 -17.39 -21.89
CA VAL B 366 -19.12 -16.77 -20.64
C VAL B 366 -20.34 -15.92 -20.94
N ASN B 367 -21.49 -16.35 -20.44
CA ASN B 367 -22.76 -15.68 -20.68
C ASN B 367 -23.14 -14.84 -19.46
N GLY B 368 -23.60 -13.62 -19.72
CA GLY B 368 -23.96 -12.71 -18.66
C GLY B 368 -22.83 -11.75 -18.32
N ALA B 369 -23.03 -10.46 -18.62
CA ALA B 369 -22.01 -9.47 -18.32
C ALA B 369 -21.99 -9.15 -16.83
N PHE B 370 -20.79 -8.85 -16.32
CA PHE B 370 -20.67 -8.41 -14.94
C PHE B 370 -21.42 -7.10 -14.72
N MET B 371 -21.40 -6.22 -15.71
CA MET B 371 -22.15 -4.97 -15.64
C MET B 371 -22.57 -4.57 -17.05
N VAL B 372 -23.75 -3.97 -17.14
CA VAL B 372 -24.25 -3.42 -18.40
C VAL B 372 -24.43 -1.92 -18.15
N LEU B 373 -23.40 -1.14 -18.44
CA LEU B 373 -23.40 0.29 -18.16
C LEU B 373 -24.18 1.02 -19.25
N LYS B 374 -25.27 1.67 -18.85
CA LYS B 374 -26.11 2.44 -19.76
C LYS B 374 -25.85 3.93 -19.57
N GLY B 375 -26.22 4.70 -20.60
CA GLY B 375 -26.08 6.15 -20.52
C GLY B 375 -25.62 6.78 -21.82
N HIS B 376 -24.99 5.99 -22.67
CA HIS B 376 -24.54 6.49 -23.97
C HIS B 376 -25.74 6.64 -24.90
N ARG B 377 -25.81 7.78 -25.60
CA ARG B 377 -26.89 8.04 -26.53
C ARG B 377 -26.61 7.53 -27.93
N SER B 378 -25.44 6.95 -28.17
CA SER B 378 -25.11 6.38 -29.47
C SER B 378 -24.09 5.28 -29.27
N ILE B 379 -23.68 4.68 -30.40
CA ILE B 379 -22.81 3.51 -30.35
C ILE B 379 -21.55 3.84 -29.55
N VAL B 380 -21.11 2.88 -28.74
CA VAL B 380 -19.89 3.01 -27.96
C VAL B 380 -18.77 2.30 -28.71
N ASN B 381 -17.68 3.02 -28.96
CA ASN B 381 -16.56 2.51 -29.75
C ASN B 381 -15.32 2.27 -28.90
N GLN B 382 -14.84 3.30 -28.20
CA GLN B 382 -13.59 3.24 -27.46
C GLN B 382 -13.86 3.12 -25.97
N VAL B 383 -13.14 2.21 -25.32
CA VAL B 383 -13.18 2.06 -23.87
C VAL B 383 -11.76 2.00 -23.36
N ARG B 384 -11.44 2.78 -22.33
CA ARG B 384 -10.13 2.80 -21.72
C ARG B 384 -10.29 2.78 -20.21
N PHE B 385 -9.31 2.19 -19.52
CA PHE B 385 -9.38 1.97 -18.09
C PHE B 385 -8.13 2.51 -17.42
N ASN B 386 -8.32 3.28 -16.35
CA ASN B 386 -7.23 3.76 -15.51
C ASN B 386 -7.21 2.92 -14.24
N PRO B 387 -6.18 2.08 -14.03
CA PRO B 387 -6.19 1.20 -12.86
C PRO B 387 -5.84 1.90 -11.57
N HIS B 388 -5.05 2.97 -11.62
CA HIS B 388 -4.69 3.68 -10.40
C HIS B 388 -5.93 4.27 -9.73
N THR B 389 -6.86 4.78 -10.53
CA THR B 389 -8.10 5.34 -10.01
C THR B 389 -9.31 4.45 -10.30
N TYR B 390 -9.13 3.30 -10.95
CA TYR B 390 -10.27 2.47 -11.36
C TYR B 390 -11.33 3.30 -12.05
N MET B 391 -10.91 4.06 -13.06
CA MET B 391 -11.81 4.90 -13.83
C MET B 391 -11.97 4.31 -15.23
N ILE B 392 -13.14 4.52 -15.83
CA ILE B 392 -13.42 4.08 -17.19
C ILE B 392 -13.79 5.29 -18.01
N CYS B 393 -13.10 5.50 -19.13
CA CYS B 393 -13.44 6.54 -20.08
C CYS B 393 -13.92 5.86 -21.37
N SER B 394 -15.13 6.20 -21.79
CA SER B 394 -15.71 5.61 -23.00
C SER B 394 -16.13 6.71 -23.95
N SER B 395 -16.09 6.39 -25.24
CA SER B 395 -16.42 7.36 -26.28
C SER B 395 -16.98 6.61 -27.48
N GLY B 396 -17.71 7.34 -28.31
CA GLY B 396 -18.32 6.75 -29.49
C GLY B 396 -18.71 7.77 -30.53
N VAL B 397 -19.88 7.57 -31.15
CA VAL B 397 -20.33 8.50 -32.19
C VAL B 397 -20.67 9.85 -31.58
N GLU B 398 -21.27 9.87 -30.39
CA GLU B 398 -21.60 11.12 -29.76
C GLU B 398 -20.33 11.88 -29.38
N LYS B 399 -20.46 13.20 -29.24
CA LYS B 399 -19.33 14.08 -29.03
C LYS B 399 -18.93 14.22 -27.56
N ILE B 400 -19.67 13.59 -26.64
CA ILE B 400 -19.38 13.63 -25.22
C ILE B 400 -18.57 12.40 -24.85
N ILE B 401 -17.73 12.54 -23.83
CA ILE B 401 -16.91 11.42 -23.33
C ILE B 401 -17.44 11.01 -21.97
N LYS B 402 -17.85 9.75 -21.86
CA LYS B 402 -18.42 9.25 -20.61
C LYS B 402 -17.33 8.81 -19.66
N ILE B 403 -17.54 9.09 -18.37
CA ILE B 403 -16.66 8.66 -17.29
C ILE B 403 -17.49 7.80 -16.34
N TRP B 404 -16.95 6.63 -15.99
CA TRP B 404 -17.60 5.69 -15.08
C TRP B 404 -16.63 5.44 -13.94
N SER B 405 -17.07 5.67 -12.71
CA SER B 405 -16.22 5.49 -11.55
C SER B 405 -16.96 4.77 -10.45
N PRO B 406 -16.28 3.88 -9.71
CA PRO B 406 -16.89 3.33 -8.49
C PRO B 406 -17.08 4.37 -7.40
N TYR B 407 -16.40 5.51 -7.49
CA TYR B 407 -16.49 6.57 -6.49
C TYR B 407 -17.30 7.73 -7.02
N LYS B 408 -17.82 8.54 -6.10
CA LYS B 408 -18.61 9.71 -6.47
C LYS B 408 -17.71 10.80 -7.04
N GLN B 409 -18.22 11.51 -8.03
CA GLN B 409 -17.56 12.67 -8.62
C GLN B 409 -18.56 13.80 -8.64
N PRO B 410 -18.10 15.05 -8.75
CA PRO B 410 -19.05 16.17 -8.84
C PRO B 410 -20.00 15.99 -10.01
N GLY B 411 -21.28 16.22 -9.75
CA GLY B 411 -22.28 16.13 -10.80
C GLY B 411 -22.41 14.76 -11.43
N CYS B 412 -22.50 13.71 -10.62
CA CYS B 412 -22.63 12.35 -11.13
C CYS B 412 -24.10 11.95 -11.27
N THR B 413 -24.27 10.73 -11.80
CA THR B 413 -25.57 10.09 -11.89
C THR B 413 -25.38 8.61 -11.59
N GLY B 414 -26.45 7.95 -11.16
CA GLY B 414 -26.38 6.55 -10.80
C GLY B 414 -25.75 6.34 -9.44
N ASP B 415 -25.45 5.08 -9.15
CA ASP B 415 -24.87 4.69 -7.87
C ASP B 415 -24.17 3.35 -8.04
N LEU B 416 -23.81 2.72 -6.93
CA LEU B 416 -23.14 1.42 -6.93
C LEU B 416 -24.10 0.26 -6.78
N ASP B 417 -25.40 0.50 -6.75
CA ASP B 417 -26.39 -0.57 -6.61
C ASP B 417 -27.36 -0.66 -7.77
N GLY B 418 -27.59 0.43 -8.50
CA GLY B 418 -28.50 0.41 -9.64
C GLY B 418 -29.93 0.10 -9.25
N SER C 67 32.13 -1.95 0.01
CA SER C 67 31.44 -3.09 -0.59
C SER C 67 32.34 -3.83 -1.57
N GLU C 68 32.55 -5.11 -1.30
CA GLU C 68 33.35 -5.95 -2.18
C GLU C 68 32.54 -6.53 -3.33
N GLN C 69 31.23 -6.34 -3.34
CA GLN C 69 30.39 -6.83 -4.41
C GLN C 69 29.19 -5.92 -4.56
N ILE C 70 28.57 -5.97 -5.74
CA ILE C 70 27.35 -5.23 -6.03
C ILE C 70 26.35 -6.19 -6.64
N ILE C 71 25.06 -5.92 -6.41
CA ILE C 71 23.98 -6.78 -6.85
C ILE C 71 23.26 -6.07 -7.99
N VAL C 72 23.47 -6.57 -9.21
CA VAL C 72 22.80 -6.03 -10.39
C VAL C 72 21.87 -7.12 -10.94
N THR C 73 20.63 -6.74 -11.23
CA THR C 73 19.64 -7.67 -11.78
C THR C 73 19.80 -7.68 -13.29
N GLU C 74 20.41 -8.75 -13.82
CA GLU C 74 20.58 -8.88 -15.25
C GLU C 74 19.23 -9.13 -15.92
N LYS C 75 19.02 -8.46 -17.06
CA LYS C 75 17.75 -8.56 -17.77
C LYS C 75 17.68 -9.88 -18.53
N THR C 76 16.53 -10.54 -18.41
CA THR C 76 16.29 -11.82 -19.08
C THR C 76 14.93 -11.78 -19.75
N ASN C 77 14.76 -12.61 -20.77
CA ASN C 77 13.53 -12.66 -21.55
C ASN C 77 12.67 -13.80 -21.00
N ILE C 78 11.86 -13.49 -19.99
CA ILE C 78 11.00 -14.50 -19.38
C ILE C 78 9.92 -14.93 -20.37
N LEU C 79 9.25 -13.97 -21.01
CA LEU C 79 8.13 -14.28 -21.87
C LEU C 79 8.58 -15.02 -23.13
N LEU C 80 9.66 -14.57 -23.76
CA LEU C 80 10.14 -15.22 -24.97
C LEU C 80 10.65 -16.62 -24.67
N ARG C 81 11.38 -16.80 -23.55
CA ARG C 81 11.82 -18.13 -23.18
C ARG C 81 10.64 -19.06 -22.94
N TYR C 82 9.61 -18.56 -22.24
CA TYR C 82 8.43 -19.38 -22.02
C TYR C 82 7.76 -19.75 -23.34
N LEU C 83 7.64 -18.79 -24.25
CA LEU C 83 7.01 -19.07 -25.54
C LEU C 83 7.81 -20.09 -26.35
N HIS C 84 9.13 -19.93 -26.39
CA HIS C 84 9.96 -20.87 -27.13
C HIS C 84 9.88 -22.27 -26.55
N GLN C 85 9.92 -22.38 -25.21
CA GLN C 85 9.79 -23.68 -24.58
C GLN C 85 8.43 -24.30 -24.88
N GLN C 86 7.36 -23.50 -24.81
CA GLN C 86 6.03 -24.03 -25.05
C GLN C 86 5.87 -24.51 -26.48
N TRP C 87 6.40 -23.76 -27.44
CA TRP C 87 6.24 -24.13 -28.84
C TRP C 87 7.16 -25.28 -29.25
N ASP C 88 8.32 -25.41 -28.60
CA ASP C 88 9.16 -26.59 -28.86
C ASP C 88 8.60 -27.83 -28.17
N LYS C 89 7.89 -27.64 -27.06
CA LYS C 89 7.27 -28.77 -26.38
C LYS C 89 6.18 -29.41 -27.24
N LYS C 90 5.40 -28.58 -27.95
CA LYS C 90 4.32 -29.08 -28.80
C LYS C 90 4.85 -29.46 -30.19
N ASN C 91 5.72 -30.48 -30.19
CA ASN C 91 6.20 -31.08 -31.43
C ASN C 91 5.94 -32.57 -31.48
N ALA C 92 5.01 -33.07 -30.67
CA ALA C 92 4.68 -34.49 -30.66
C ALA C 92 3.71 -34.82 -31.80
#